data_9DRU
#
_entry.id   9DRU
#
_cell.length_a   115.404
_cell.length_b   115.404
_cell.length_c   206.330
_cell.angle_alpha   90.00
_cell.angle_beta   90.00
_cell.angle_gamma   120.00
#
_symmetry.space_group_name_H-M   'P 3 2 1'
#
loop_
_entity.id
_entity.type
_entity.pdbx_description
1 polymer 'Hemagglutinin HA1 chain'
2 polymer 'Hemagglutinin HA2 chain'
3 polymer '04709_4F04, heavy chain'
4 polymer '04709_4F04, light chain'
5 non-polymer 2-acetamido-2-deoxy-beta-D-glucopyranose
6 water water
#
loop_
_entity_poly.entity_id
_entity_poly.type
_entity_poly.pdbx_seq_one_letter_code
_entity_poly.pdbx_strand_id
1 'polypeptide(L)'
;DPGDTLCIGYHANNSTDTVDTVLEKNVTVTHSVNLLEDKHNGKLCKLRGVAPLHLGKCNIAGWILGNPECESLSTASSWS
YIVETPSSDNGTCYPGDFIDYEELREQLSSVSSFERFEIFPKTSSWPNHDSNKGVTAACPHAGAKSFYKNLIWLVKKGNS
YPKLSKSYINDKGKEVLVLWGIHHPSTSADQQSLYQNADTYVFVGSSRYSKKFKPEIAIRPKVRDQEGRMNYYWTLVEPG
DKITFEATGNLVVPRYAFAMERNAGSGIIISDTPVHDCNTTCQTPKGAINTSLPFQNIHPITIGKCPKYVKSTKLRLATG
LRNIPSIQSI
;
A
2 'polypeptide(L)'
;GLFGAIAGFIEGGWTGMVDGWYGYHHQNEQGSGYAADLKSTQNAIDGITNKVNSVIEKMNTQFTAVGKEFNHLEKRIENL
NKKVDDGFLDIWTYNAELLVLLENERTLDYHDSNVKNLYEKVRSQLKNNAKEIGNGCFEFYHKCDNTCMESVKNGTYDYP
KYSEEAKLNREEIDS
;
B
3 'polypeptide(L)'
;EVQLVESGGGLVQPGGSLRLSCAASGFTFNTYNMNWVRQAPGKGLEWVSYISSSSLSRYYADSVKGRFTISRDNAKNSLF
LQMNSLRAEDTAVYYCARGAQAGYSSFFPPTTFWGQGTLVTVSSASTKGPSVFPLAPSSKSTSGGTAALGCLVKDYFPEP
VTVSWNSGALTSGVHTFPAVLQSSGLYSLSSVVTVPSSSLGTQTYICNVNHKPSNTKVDKKVEPKSC
;
H
4 'polypeptide(L)'
;EIVMTQSPATLSVSPGEGVTLSCRASQSVSSNLAWYQQKPGQAPRLLIYGASTRATGIPARFSGSGSGTEFTLTISSLQS
EDFAVYYCQQYYNWPPLTFGGGTKVEIKRTVAAPSVFIFPPSDEQLKSGTASVVCLLNNFYPREAKVQWKVDNALQSGNS
QESVTEQDSKDSTYSLSSTLTLSKADYEKKKVYACEVTHQGSSPVTKSF
;
L
#
# COMPACT_ATOMS: atom_id res chain seq x y z
N ASP A 1 9.65 -1.09 -41.99
CA ASP A 1 10.98 -0.49 -41.81
C ASP A 1 10.99 0.67 -40.79
N PRO A 2 9.99 1.56 -40.80
CA PRO A 2 9.93 2.57 -39.72
C PRO A 2 9.68 1.89 -38.37
N GLY A 3 10.13 2.55 -37.31
CA GLY A 3 10.47 1.81 -36.12
C GLY A 3 9.64 1.99 -34.87
N ASP A 4 10.36 1.97 -33.75
CA ASP A 4 9.84 1.70 -32.41
C ASP A 4 9.74 3.00 -31.62
N THR A 5 9.47 2.89 -30.31
CA THR A 5 9.26 4.06 -29.47
C THR A 5 10.17 4.03 -28.23
N LEU A 6 10.66 5.20 -27.86
CA LEU A 6 11.34 5.42 -26.59
C LEU A 6 10.70 6.61 -25.89
N CYS A 7 10.51 6.49 -24.58
CA CYS A 7 9.81 7.50 -23.79
C CYS A 7 10.62 7.85 -22.55
N ILE A 8 10.47 9.09 -22.09
CA ILE A 8 11.08 9.56 -20.85
C ILE A 8 9.97 9.78 -19.83
N GLY A 9 10.21 9.32 -18.61
CA GLY A 9 9.23 9.44 -17.54
C GLY A 9 9.85 9.48 -16.16
N TYR A 10 9.07 9.25 -15.12
CA TYR A 10 9.55 9.41 -13.75
C TYR A 10 8.82 8.46 -12.82
N HIS A 11 9.42 8.27 -11.64
CA HIS A 11 8.97 7.27 -10.68
C HIS A 11 7.59 7.59 -10.12
N ALA A 12 6.86 6.53 -9.78
CA ALA A 12 5.62 6.60 -9.03
C ALA A 12 5.55 5.38 -8.14
N ASN A 13 4.77 5.47 -7.06
CA ASN A 13 4.66 4.36 -6.12
C ASN A 13 3.32 4.44 -5.39
N ASN A 14 3.20 3.67 -4.31
CA ASN A 14 1.97 3.61 -3.52
C ASN A 14 2.03 4.54 -2.32
N SER A 15 2.99 5.47 -2.28
CA SER A 15 3.14 6.35 -1.14
C SER A 15 1.93 7.27 -1.00
N THR A 16 1.51 7.47 0.25
CA THR A 16 0.49 8.45 0.59
C THR A 16 1.06 9.61 1.41
N ASP A 17 2.39 9.72 1.48
CA ASP A 17 3.03 10.83 2.17
C ASP A 17 2.64 12.15 1.53
N THR A 18 2.28 13.13 2.36
CA THR A 18 1.92 14.46 1.87
C THR A 18 2.82 15.50 2.50
N VAL A 19 3.22 16.48 1.68
CA VAL A 19 4.01 17.61 2.13
C VAL A 19 3.30 18.88 1.71
N ASP A 20 3.62 19.97 2.39
CA ASP A 20 3.09 21.28 2.05
C ASP A 20 4.14 22.06 1.27
N THR A 21 3.69 22.78 0.25
CA THR A 21 4.56 23.68 -0.51
C THR A 21 4.01 25.09 -0.40
N VAL A 22 4.83 26.06 -0.82
CA VAL A 22 4.39 27.45 -0.74
C VAL A 22 3.22 27.69 -1.70
N LEU A 23 3.13 26.94 -2.79
CA LEU A 23 2.07 27.15 -3.77
C LEU A 23 0.88 26.22 -3.60
N GLU A 24 1.04 25.09 -2.93
CA GLU A 24 -0.02 24.10 -2.88
C GLU A 24 0.09 23.30 -1.59
N LYS A 25 -1.05 23.00 -0.99
CA LYS A 25 -1.11 22.21 0.22
C LYS A 25 -1.43 20.75 -0.11
N ASN A 26 -0.93 19.84 0.75
CA ASN A 26 -1.26 18.42 0.67
C ASN A 26 -0.86 17.83 -0.68
N VAL A 27 0.44 17.86 -0.94
CA VAL A 27 1.01 17.30 -2.17
C VAL A 27 1.58 15.93 -1.85
N THR A 28 1.10 14.91 -2.56
CA THR A 28 1.57 13.55 -2.35
C THR A 28 2.92 13.36 -3.04
N VAL A 29 3.88 12.80 -2.30
CA VAL A 29 5.24 12.63 -2.80
C VAL A 29 5.67 11.18 -2.64
N THR A 30 6.61 10.76 -3.50
CA THR A 30 7.05 9.37 -3.52
C THR A 30 7.93 9.02 -2.32
N HIS A 31 8.66 10.01 -1.78
CA HIS A 31 9.50 9.81 -0.60
C HIS A 31 9.56 11.12 0.17
N SER A 32 9.64 11.02 1.50
CA SER A 32 9.75 12.19 2.34
C SER A 32 10.42 11.81 3.66
N VAL A 33 10.88 12.85 4.38
CA VAL A 33 11.48 12.68 5.70
C VAL A 33 10.88 13.72 6.65
N ASN A 34 10.82 13.36 7.93
CA ASN A 34 10.20 14.18 8.95
C ASN A 34 11.27 14.91 9.76
N LEU A 35 11.15 16.24 9.83
CA LEU A 35 12.11 17.07 10.55
C LEU A 35 11.71 17.34 11.99
N LEU A 36 10.50 16.96 12.39
CA LEU A 36 9.95 17.28 13.70
C LEU A 36 9.91 16.03 14.56
N GLU A 37 10.60 16.05 15.69
CA GLU A 37 10.53 14.95 16.65
C GLU A 37 9.33 15.14 17.56
N ASP A 38 8.43 14.16 17.59
CA ASP A 38 7.21 14.25 18.38
C ASP A 38 7.00 13.04 19.30
N LYS A 39 7.98 12.15 19.40
CA LYS A 39 7.86 10.93 20.20
C LYS A 39 8.92 10.92 21.28
N HIS A 40 8.49 10.69 22.53
CA HIS A 40 9.39 10.58 23.67
C HIS A 40 9.21 9.21 24.32
N ASN A 41 10.21 8.83 25.12
CA ASN A 41 10.25 7.51 25.74
C ASN A 41 9.49 7.44 27.07
N GLY A 42 8.93 8.55 27.55
CA GLY A 42 8.11 8.53 28.74
C GLY A 42 8.82 8.21 30.02
N LYS A 43 10.14 8.40 30.09
CA LYS A 43 10.92 8.07 31.27
C LYS A 43 11.88 9.22 31.58
N LEU A 44 12.32 9.26 32.84
CA LEU A 44 13.38 10.18 33.25
C LEU A 44 14.69 9.40 33.25
N CYS A 45 15.54 9.69 32.27
CA CYS A 45 16.74 8.92 32.02
C CYS A 45 17.97 9.62 32.60
N LYS A 46 19.15 9.08 32.32
CA LYS A 46 20.40 9.61 32.83
C LYS A 46 21.02 10.54 31.79
N LEU A 47 21.27 11.78 32.20
CA LEU A 47 21.94 12.75 31.34
C LEU A 47 23.44 12.66 31.54
N ARG A 48 24.18 12.67 30.43
CA ARG A 48 25.63 12.50 30.43
C ARG A 48 26.03 11.20 31.12
N GLY A 49 25.21 10.16 30.96
CA GLY A 49 25.44 8.89 31.61
C GLY A 49 25.45 8.96 33.12
N VAL A 50 24.66 9.87 33.70
CA VAL A 50 24.62 10.07 35.14
C VAL A 50 23.17 10.18 35.58
N ALA A 51 22.80 9.41 36.59
CA ALA A 51 21.42 9.40 37.07
C ALA A 51 21.09 10.73 37.75
N PRO A 52 19.82 11.14 37.71
CA PRO A 52 19.40 12.32 38.46
C PRO A 52 19.20 11.99 39.94
N LEU A 53 19.13 13.06 40.73
CA LEU A 53 18.80 12.97 42.13
C LEU A 53 17.28 13.07 42.27
N HIS A 54 16.64 11.99 42.72
CA HIS A 54 15.20 11.96 42.90
C HIS A 54 14.88 12.11 44.38
N LEU A 55 14.21 13.21 44.73
CA LEU A 55 13.89 13.53 46.12
C LEU A 55 12.61 12.87 46.60
N GLY A 56 11.78 12.38 45.70
CA GLY A 56 10.56 11.69 46.09
C GLY A 56 9.50 12.58 46.69
N LYS A 57 9.19 12.36 47.97
CA LYS A 57 8.17 13.14 48.67
C LYS A 57 8.71 14.45 49.25
N CYS A 58 9.98 14.75 49.03
CA CYS A 58 10.60 15.95 49.57
C CYS A 58 10.96 16.92 48.46
N ASN A 59 11.10 18.19 48.84
CA ASN A 59 11.68 19.21 47.97
C ASN A 59 13.13 19.45 48.39
N ILE A 60 13.81 20.34 47.67
CA ILE A 60 15.23 20.56 47.91
C ILE A 60 15.47 21.06 49.32
N ALA A 61 14.58 21.91 49.84
CA ALA A 61 14.74 22.42 51.19
C ALA A 61 14.66 21.31 52.22
N GLY A 62 13.67 20.44 52.10
CA GLY A 62 13.57 19.31 53.00
C GLY A 62 14.75 18.37 52.89
N TRP A 63 15.22 18.14 51.66
CA TRP A 63 16.35 17.24 51.45
C TRP A 63 17.63 17.82 52.04
N ILE A 64 17.90 19.09 51.76
CA ILE A 64 19.20 19.65 52.14
C ILE A 64 19.25 19.97 53.62
N LEU A 65 18.10 20.26 54.24
CA LEU A 65 18.07 20.52 55.68
C LEU A 65 18.04 19.25 56.51
N GLY A 66 17.55 18.15 55.95
CA GLY A 66 17.50 16.91 56.69
C GLY A 66 16.15 16.70 57.35
N ASN A 67 15.08 16.97 56.60
CA ASN A 67 13.74 16.71 57.09
C ASN A 67 13.60 15.23 57.44
N PRO A 68 12.91 14.90 58.54
CA PRO A 68 12.81 13.48 58.94
C PRO A 68 12.13 12.60 57.91
N GLU A 69 11.35 13.15 57.00
CA GLU A 69 10.73 12.37 55.94
C GLU A 69 11.67 12.05 54.78
N CYS A 70 12.86 12.66 54.71
CA CYS A 70 13.81 12.43 53.64
C CYS A 70 15.04 11.65 54.09
N GLU A 71 15.09 11.22 55.36
CA GLU A 71 16.29 10.53 55.84
C GLU A 71 16.52 9.23 55.10
N SER A 72 15.45 8.61 54.59
CA SER A 72 15.59 7.35 53.86
C SER A 72 16.27 7.53 52.51
N LEU A 73 16.30 8.75 51.98
CA LEU A 73 16.89 8.99 50.66
C LEU A 73 18.38 8.67 50.67
N SER A 74 18.82 7.95 49.64
CA SER A 74 20.21 7.57 49.52
C SER A 74 21.08 8.78 49.15
N THR A 75 22.30 8.78 49.67
CA THR A 75 23.24 9.88 49.46
C THR A 75 24.18 9.51 48.31
N ALA A 76 23.95 10.09 47.13
CA ALA A 76 24.76 9.84 45.96
C ALA A 76 25.81 10.93 45.81
N SER A 77 27.00 10.54 45.33
CA SER A 77 28.12 11.49 45.26
C SER A 77 27.99 12.47 44.11
N SER A 78 27.14 12.20 43.13
CA SER A 78 26.97 13.09 41.99
C SER A 78 25.63 12.83 41.33
N TRP A 79 25.11 13.84 40.64
CA TRP A 79 23.88 13.72 39.87
C TRP A 79 23.92 14.72 38.73
N SER A 80 23.21 14.39 37.65
CA SER A 80 23.18 15.26 36.48
C SER A 80 22.15 16.37 36.60
N TYR A 81 21.05 16.10 37.31
CA TYR A 81 19.99 17.06 37.54
C TYR A 81 19.11 16.52 38.66
N ILE A 82 18.15 17.35 39.08
CA ILE A 82 17.30 17.05 40.23
C ILE A 82 15.86 16.89 39.74
N VAL A 83 15.14 15.92 40.30
CA VAL A 83 13.74 15.72 40.00
C VAL A 83 12.93 15.89 41.29
N GLU A 84 11.88 16.70 41.22
CA GLU A 84 10.87 16.80 42.25
C GLU A 84 9.51 16.40 41.67
N THR A 85 8.57 16.08 42.56
CA THR A 85 7.23 15.79 42.10
C THR A 85 6.30 16.96 42.43
N PRO A 86 5.24 17.18 41.65
CA PRO A 86 4.33 18.30 41.95
C PRO A 86 3.74 18.23 43.34
N SER A 87 3.46 17.04 43.85
CA SER A 87 2.93 16.88 45.19
C SER A 87 4.00 16.94 46.27
N SER A 88 5.29 16.97 45.90
CA SER A 88 6.37 16.96 46.89
C SER A 88 6.30 18.20 47.77
N ASP A 89 5.98 18.01 49.05
CA ASP A 89 5.71 19.12 49.95
C ASP A 89 6.56 19.11 51.22
N ASN A 90 7.21 17.99 51.55
CA ASN A 90 7.99 17.91 52.77
C ASN A 90 9.24 18.77 52.65
N GLY A 91 9.19 19.97 53.21
CA GLY A 91 10.28 20.93 53.15
C GLY A 91 10.67 21.45 54.51
N THR A 92 10.58 22.76 54.70
CA THR A 92 10.84 23.37 56.00
C THR A 92 9.65 23.10 56.92
N CYS A 93 9.77 22.06 57.75
CA CYS A 93 8.65 21.69 58.61
C CYS A 93 8.39 22.74 59.68
N TYR A 94 9.42 23.34 60.25
CA TYR A 94 9.22 24.49 61.12
C TYR A 94 9.07 25.74 60.24
N PRO A 95 7.96 26.47 60.37
CA PRO A 95 7.69 27.57 59.42
C PRO A 95 8.76 28.64 59.47
N GLY A 96 9.02 29.24 58.31
CA GLY A 96 10.01 30.29 58.20
C GLY A 96 10.35 30.55 56.75
N ASP A 97 11.33 31.43 56.57
CA ASP A 97 11.80 31.83 55.25
C ASP A 97 13.15 31.19 54.97
N PHE A 98 13.28 30.62 53.77
CA PHE A 98 14.55 30.09 53.29
C PHE A 98 15.17 31.16 52.40
N ILE A 99 16.19 31.84 52.93
CA ILE A 99 16.76 33.00 52.26
C ILE A 99 17.58 32.55 51.05
N ASP A 100 17.34 33.20 49.90
CA ASP A 100 18.01 32.85 48.64
C ASP A 100 17.79 31.39 48.29
N TYR A 101 16.54 30.95 48.40
CA TYR A 101 16.21 29.54 48.18
C TYR A 101 16.38 29.17 46.71
N GLU A 102 15.80 29.97 45.81
CA GLU A 102 15.86 29.63 44.38
C GLU A 102 17.30 29.63 43.88
N GLU A 103 18.14 30.53 44.40
CA GLU A 103 19.55 30.51 44.05
C GLU A 103 20.23 29.22 44.49
N LEU A 104 19.90 28.74 45.69
CA LEU A 104 20.51 27.52 46.19
C LEU A 104 20.13 26.33 45.32
N ARG A 105 18.86 26.26 44.90
CA ARG A 105 18.44 25.20 43.99
C ARG A 105 19.26 25.22 42.70
N GLU A 106 19.59 26.42 42.21
CA GLU A 106 20.43 26.53 41.02
C GLU A 106 21.82 25.95 41.27
N GLN A 107 22.43 26.27 42.40
CA GLN A 107 23.79 25.81 42.69
C GLN A 107 23.84 24.30 42.87
N LEU A 108 22.77 23.69 43.37
CA LEU A 108 22.74 22.26 43.64
C LEU A 108 22.16 21.46 42.47
N SER A 109 21.80 22.11 41.37
CA SER A 109 21.10 21.43 40.29
C SER A 109 21.94 20.30 39.71
N SER A 110 23.22 20.55 39.47
CA SER A 110 24.14 19.54 38.98
C SER A 110 25.42 19.60 39.80
N VAL A 111 25.89 18.44 40.23
CA VAL A 111 27.03 18.34 41.14
C VAL A 111 27.92 17.20 40.68
N SER A 112 29.22 17.44 40.63
CA SER A 112 30.18 16.40 40.29
C SER A 112 30.75 15.69 41.51
N SER A 113 30.66 16.30 42.68
CA SER A 113 31.17 15.71 43.91
C SER A 113 30.35 16.24 45.08
N PHE A 114 29.83 15.34 45.91
CA PHE A 114 28.93 15.75 47.00
C PHE A 114 29.06 14.75 48.14
N GLU A 115 29.78 15.14 49.19
CA GLU A 115 30.05 14.27 50.33
C GLU A 115 29.64 14.99 51.60
N ARG A 116 28.77 14.36 52.39
CA ARG A 116 28.39 14.90 53.68
C ARG A 116 29.42 14.54 54.74
N PHE A 117 29.63 15.47 55.67
CA PHE A 117 30.51 15.22 56.80
C PHE A 117 30.00 16.01 58.00
N GLU A 118 30.38 15.56 59.19
CA GLU A 118 29.93 16.20 60.43
C GLU A 118 30.87 17.36 60.74
N ILE A 119 30.49 18.55 60.26
CA ILE A 119 31.32 19.73 60.44
C ILE A 119 31.46 20.07 61.92
N PHE A 120 30.36 19.97 62.67
CA PHE A 120 30.36 20.16 64.12
C PHE A 120 29.80 18.91 64.77
N PRO A 121 30.65 17.99 65.24
CA PRO A 121 30.14 16.73 65.78
C PRO A 121 29.22 16.95 66.98
N LYS A 122 28.16 16.15 67.04
CA LYS A 122 27.15 16.33 68.07
C LYS A 122 27.71 16.02 69.46
N THR A 123 28.51 14.97 69.58
CA THR A 123 28.93 14.47 70.89
C THR A 123 29.88 15.43 71.61
N SER A 124 30.71 16.18 70.86
CA SER A 124 31.79 16.93 71.47
C SER A 124 31.76 18.43 71.24
N SER A 125 30.94 18.93 70.30
CA SER A 125 31.05 20.32 69.91
C SER A 125 30.53 21.28 70.97
N TRP A 126 29.48 20.90 71.69
CA TRP A 126 28.72 21.83 72.54
C TRP A 126 28.63 21.32 73.97
N PRO A 127 29.75 21.32 74.70
CA PRO A 127 29.72 20.87 76.09
C PRO A 127 28.84 21.72 77.00
N ASN A 128 28.74 23.02 76.74
CA ASN A 128 28.03 23.94 77.61
C ASN A 128 26.61 24.23 77.15
N HIS A 129 26.10 23.48 76.17
CA HIS A 129 24.75 23.69 75.67
C HIS A 129 24.07 22.33 75.46
N ASP A 130 22.75 22.35 75.40
CA ASP A 130 21.94 21.14 75.27
C ASP A 130 21.72 20.84 73.80
N SER A 131 22.08 19.63 73.37
CA SER A 131 21.94 19.20 71.99
C SER A 131 20.83 18.17 71.79
N ASN A 132 20.02 17.92 72.82
CA ASN A 132 19.00 16.88 72.74
C ASN A 132 17.57 17.38 72.91
N LYS A 133 17.36 18.56 73.49
CA LYS A 133 16.01 19.08 73.72
C LYS A 133 15.44 19.84 72.53
N GLY A 134 16.25 20.14 71.51
CA GLY A 134 15.78 20.92 70.39
C GLY A 134 14.93 20.14 69.40
N VAL A 135 13.74 19.72 69.83
CA VAL A 135 12.80 18.99 68.98
C VAL A 135 11.45 19.69 69.07
N THR A 136 10.59 19.39 68.10
CA THR A 136 9.33 20.11 67.98
C THR A 136 8.28 19.23 67.33
N ALA A 137 7.02 19.49 67.69
CA ALA A 137 5.90 18.77 67.09
C ALA A 137 5.71 19.12 65.62
N ALA A 138 6.32 20.21 65.15
CA ALA A 138 6.20 20.58 63.74
C ALA A 138 7.03 19.69 62.82
N CYS A 139 7.99 18.94 63.36
CA CYS A 139 8.84 18.03 62.59
C CYS A 139 8.79 16.65 63.22
N PRO A 140 7.67 15.95 63.11
CA PRO A 140 7.54 14.64 63.76
C PRO A 140 8.19 13.54 62.96
N HIS A 141 8.57 12.48 63.68
CA HIS A 141 9.08 11.26 63.06
C HIS A 141 8.80 10.09 63.98
N ALA A 142 8.17 9.05 63.42
CA ALA A 142 7.74 7.87 64.20
C ALA A 142 6.84 8.29 65.37
N GLY A 143 5.99 9.29 65.13
CA GLY A 143 5.09 9.80 66.14
C GLY A 143 5.73 10.82 67.06
N ALA A 144 6.98 10.60 67.44
CA ALA A 144 7.65 11.47 68.40
C ALA A 144 8.02 12.81 67.76
N LYS A 145 8.34 13.77 68.63
CA LYS A 145 8.87 15.05 68.18
C LYS A 145 10.32 14.88 67.76
N SER A 146 10.68 15.44 66.60
CA SER A 146 12.03 15.32 66.07
C SER A 146 12.42 16.67 65.49
N PHE A 147 13.50 16.67 64.70
CA PHE A 147 14.04 17.89 64.12
C PHE A 147 14.81 17.52 62.85
N TYR A 148 15.40 18.54 62.22
CA TYR A 148 16.20 18.33 61.02
C TYR A 148 17.44 17.51 61.35
N LYS A 149 17.85 16.68 60.38
CA LYS A 149 19.01 15.81 60.61
C LYS A 149 20.32 16.60 60.54
N ASN A 150 20.40 17.60 59.66
CA ASN A 150 21.65 18.29 59.41
C ASN A 150 21.86 19.50 60.32
N LEU A 151 20.92 19.81 61.19
CA LEU A 151 21.03 20.96 62.10
C LEU A 151 20.73 20.52 63.52
N ILE A 152 21.30 21.25 64.48
CA ILE A 152 21.04 21.03 65.90
C ILE A 152 20.45 22.31 66.48
N TRP A 153 19.33 22.18 67.17
CA TRP A 153 18.64 23.32 67.77
C TRP A 153 19.11 23.46 69.21
N LEU A 154 20.20 24.19 69.40
CA LEU A 154 20.80 24.32 70.72
C LEU A 154 19.88 25.07 71.68
N VAL A 155 19.79 24.55 72.89
CA VAL A 155 18.92 25.09 73.95
C VAL A 155 19.77 25.21 75.21
N LYS A 156 19.35 26.12 76.09
CA LYS A 156 20.09 26.37 77.33
C LYS A 156 20.31 25.08 78.10
N LYS A 157 21.49 24.96 78.72
CA LYS A 157 21.81 23.85 79.60
C LYS A 157 21.64 24.30 81.04
N GLY A 158 20.89 23.53 81.81
CA GLY A 158 20.46 24.02 83.11
C GLY A 158 19.60 25.25 82.92
N ASN A 159 19.97 26.35 83.58
CA ASN A 159 19.33 27.64 83.38
C ASN A 159 20.34 28.65 82.86
N SER A 160 21.20 28.21 81.94
CA SER A 160 22.29 29.04 81.45
C SER A 160 22.49 28.81 79.95
N TYR A 161 22.76 29.89 79.23
CA TYR A 161 23.17 29.85 77.83
C TYR A 161 24.42 30.72 77.70
N PRO A 162 25.60 30.17 77.93
CA PRO A 162 26.82 30.97 77.79
C PRO A 162 27.06 31.38 76.35
N LYS A 163 27.91 32.39 76.18
CA LYS A 163 28.24 32.87 74.85
C LYS A 163 28.86 31.74 74.03
N LEU A 164 28.34 31.55 72.83
CA LEU A 164 28.72 30.47 71.95
C LEU A 164 29.73 30.98 70.92
N SER A 165 30.75 30.17 70.64
CA SER A 165 31.77 30.55 69.66
C SER A 165 32.41 29.28 69.13
N LYS A 166 32.23 29.04 67.82
CA LYS A 166 32.77 27.86 67.17
C LYS A 166 33.17 28.24 65.75
N SER A 167 34.29 27.69 65.29
CA SER A 167 34.79 27.98 63.95
C SER A 167 35.12 26.68 63.22
N TYR A 168 35.08 26.75 61.90
CA TYR A 168 35.46 25.65 61.04
C TYR A 168 36.31 26.18 59.89
N ILE A 169 37.36 25.45 59.55
CA ILE A 169 38.26 25.80 58.45
C ILE A 169 38.09 24.77 57.36
N ASN A 170 37.82 25.23 56.13
CA ASN A 170 37.58 24.33 55.02
C ASN A 170 38.89 23.72 54.58
N ASP A 171 39.09 22.44 54.91
CA ASP A 171 40.28 21.69 54.55
C ASP A 171 39.99 20.57 53.55
N LYS A 172 38.79 20.54 52.99
CA LYS A 172 38.34 19.43 52.15
C LYS A 172 38.74 19.58 50.69
N GLY A 173 39.46 20.65 50.32
CA GLY A 173 39.91 20.82 48.96
C GLY A 173 38.86 21.27 47.97
N LYS A 174 37.69 21.67 48.45
CA LYS A 174 36.60 22.09 47.58
C LYS A 174 35.62 22.92 48.40
N GLU A 175 34.63 23.47 47.71
CA GLU A 175 33.62 24.28 48.38
C GLU A 175 32.84 23.45 49.39
N VAL A 176 32.49 24.08 50.51
CA VAL A 176 31.68 23.45 51.54
C VAL A 176 30.40 24.25 51.69
N LEU A 177 29.26 23.58 51.50
CA LEU A 177 27.95 24.19 51.70
C LEU A 177 27.56 24.07 53.16
N VAL A 178 27.36 25.22 53.81
CA VAL A 178 26.99 25.27 55.22
C VAL A 178 25.61 25.92 55.32
N LEU A 179 24.71 25.29 56.07
CA LEU A 179 23.38 25.80 56.31
C LEU A 179 23.18 25.99 57.81
N TRP A 180 22.35 26.98 58.17
CA TRP A 180 22.07 27.23 59.58
C TRP A 180 20.72 27.93 59.69
N GLY A 181 20.26 28.10 60.93
CA GLY A 181 18.97 28.69 61.18
C GLY A 181 19.03 29.74 62.28
N ILE A 182 18.05 30.65 62.23
CA ILE A 182 17.81 31.63 63.28
C ILE A 182 16.36 31.44 63.74
N HIS A 183 16.17 31.31 65.05
CA HIS A 183 14.86 31.05 65.61
C HIS A 183 14.26 32.31 66.21
N HIS A 184 13.04 32.64 65.77
CA HIS A 184 12.32 33.81 66.28
C HIS A 184 11.13 33.33 67.11
N PRO A 185 11.22 33.37 68.44
CA PRO A 185 10.12 32.85 69.27
C PRO A 185 8.90 33.74 69.21
N SER A 186 7.76 33.16 69.63
CA SER A 186 6.51 33.89 69.65
C SER A 186 6.44 34.90 70.79
N THR A 187 6.89 34.51 71.98
CA THR A 187 6.75 35.33 73.18
C THR A 187 8.08 35.42 73.90
N SER A 188 8.16 36.38 74.83
CA SER A 188 9.34 36.48 75.69
C SER A 188 9.48 35.26 76.59
N ALA A 189 8.35 34.65 76.97
CA ALA A 189 8.41 33.45 77.80
C ALA A 189 9.04 32.28 77.05
N ASP A 190 8.63 32.07 75.79
CA ASP A 190 9.24 31.03 74.98
C ASP A 190 10.72 31.30 74.76
N GLN A 191 11.09 32.58 74.62
CA GLN A 191 12.49 32.94 74.49
C GLN A 191 13.27 32.52 75.72
N GLN A 192 12.73 32.78 76.92
CA GLN A 192 13.42 32.43 78.14
C GLN A 192 13.38 30.93 78.42
N SER A 193 12.33 30.25 77.94
CA SER A 193 12.28 28.80 78.10
C SER A 193 13.39 28.11 77.32
N LEU A 194 13.77 28.65 76.16
CA LEU A 194 14.75 28.03 75.28
C LEU A 194 16.18 28.52 75.50
N TYR A 195 16.37 29.82 75.73
CA TYR A 195 17.73 30.38 75.77
C TYR A 195 18.04 31.18 77.03
N GLN A 196 17.05 31.49 77.86
CA GLN A 196 17.26 32.08 79.19
C GLN A 196 17.74 33.53 79.12
N ASN A 197 18.08 34.00 77.92
CA ASN A 197 18.59 35.35 77.72
C ASN A 197 17.56 36.16 76.95
N ALA A 198 17.27 37.37 77.42
CA ALA A 198 16.19 38.15 76.85
C ALA A 198 16.63 38.88 75.58
N ASP A 199 17.82 39.46 75.58
CA ASP A 199 18.32 40.27 74.47
C ASP A 199 19.51 39.54 73.88
N THR A 200 19.27 38.79 72.81
CA THR A 200 20.28 37.92 72.22
C THR A 200 20.63 38.38 70.81
N TYR A 201 21.76 37.88 70.32
CA TYR A 201 22.18 38.08 68.94
C TYR A 201 22.81 36.80 68.42
N VAL A 202 22.84 36.67 67.10
CA VAL A 202 23.61 35.63 66.42
C VAL A 202 24.52 36.32 65.41
N PHE A 203 25.75 35.86 65.31
CA PHE A 203 26.69 36.37 64.31
C PHE A 203 27.29 35.23 63.51
N VAL A 204 27.24 35.36 62.18
CA VAL A 204 27.89 34.43 61.26
C VAL A 204 28.90 35.21 60.44
N GLY A 205 30.14 34.73 60.41
CA GLY A 205 31.18 35.44 59.68
C GLY A 205 32.17 34.55 58.98
N SER A 206 32.50 34.90 57.74
CA SER A 206 33.60 34.28 57.00
C SER A 206 34.35 35.39 56.28
N SER A 207 35.28 35.00 55.41
CA SER A 207 36.04 36.00 54.66
C SER A 207 35.18 36.72 53.63
N ARG A 208 34.11 36.10 53.15
CA ARG A 208 33.20 36.74 52.21
C ARG A 208 31.78 36.88 52.74
N TYR A 209 31.51 36.44 53.98
CA TYR A 209 30.20 36.55 54.58
C TYR A 209 30.34 37.17 55.97
N SER A 210 29.44 38.10 56.29
CA SER A 210 29.39 38.70 57.61
C SER A 210 27.98 39.23 57.84
N LYS A 211 27.31 38.73 58.88
CA LYS A 211 25.95 39.15 59.16
C LYS A 211 25.63 38.93 60.63
N LYS A 212 24.93 39.89 61.22
CA LYS A 212 24.48 39.83 62.61
C LYS A 212 22.96 39.69 62.61
N PHE A 213 22.44 38.78 63.43
CA PHE A 213 21.02 38.45 63.45
C PHE A 213 20.41 38.83 64.79
N LYS A 214 19.35 39.63 64.75
CA LYS A 214 18.61 40.02 65.95
C LYS A 214 17.23 39.36 65.93
N PRO A 215 16.92 38.49 66.88
CA PRO A 215 15.62 37.81 66.84
C PRO A 215 14.46 38.78 66.98
N GLU A 216 13.35 38.42 66.32
CA GLU A 216 12.13 39.22 66.31
C GLU A 216 11.05 38.43 67.04
N ILE A 217 10.81 38.76 68.30
CA ILE A 217 9.86 38.06 69.14
C ILE A 217 8.47 38.63 68.92
N ALA A 218 7.55 37.83 68.39
CA ALA A 218 6.18 38.25 68.14
C ALA A 218 5.35 37.01 67.79
N ILE A 219 4.03 37.13 67.97
CA ILE A 219 3.10 36.03 67.71
C ILE A 219 2.66 36.10 66.25
N ARG A 220 3.14 35.17 65.44
CA ARG A 220 2.68 35.00 64.07
C ARG A 220 1.48 34.06 64.04
N PRO A 221 0.67 34.12 62.99
CA PRO A 221 -0.41 33.14 62.83
C PRO A 221 0.15 31.72 62.81
N LYS A 222 -0.58 30.80 63.44
CA LYS A 222 -0.09 29.43 63.58
C LYS A 222 0.09 28.78 62.22
N VAL A 223 1.27 28.21 62.00
CA VAL A 223 1.53 27.35 60.85
C VAL A 223 2.18 26.08 61.39
N ARG A 224 1.53 24.94 61.17
CA ARG A 224 1.95 23.68 61.77
C ARG A 224 2.11 23.83 63.28
N ASP A 225 1.09 24.43 63.91
CA ASP A 225 1.00 24.59 65.35
C ASP A 225 2.12 25.45 65.93
N GLN A 226 2.73 26.31 65.12
CA GLN A 226 3.85 27.12 65.56
C GLN A 226 3.54 28.59 65.30
N GLU A 227 3.54 29.38 66.38
CA GLU A 227 3.42 30.82 66.28
C GLU A 227 4.77 31.51 66.11
N GLY A 228 5.87 30.80 66.38
CA GLY A 228 7.19 31.30 66.09
C GLY A 228 7.58 31.02 64.65
N ARG A 229 8.78 31.47 64.31
CA ARG A 229 9.31 31.29 62.96
C ARG A 229 10.80 30.98 63.05
N MET A 230 11.33 30.40 61.97
CA MET A 230 12.74 30.05 61.89
C MET A 230 13.22 30.32 60.47
N ASN A 231 14.19 31.22 60.32
CA ASN A 231 14.77 31.51 59.02
C ASN A 231 15.97 30.60 58.75
N TYR A 232 16.12 30.19 57.50
CA TYR A 232 17.17 29.29 57.09
C TYR A 232 18.13 30.00 56.14
N TYR A 233 19.42 29.88 56.39
CA TYR A 233 20.45 30.55 55.61
C TYR A 233 21.48 29.52 55.14
N TRP A 234 22.23 29.90 54.12
CA TRP A 234 23.28 29.04 53.59
C TRP A 234 24.41 29.90 53.05
N THR A 235 25.59 29.30 52.93
CA THR A 235 26.73 29.97 52.35
C THR A 235 27.70 28.93 51.83
N LEU A 236 28.56 29.34 50.90
CA LEU A 236 29.59 28.49 50.34
C LEU A 236 30.95 28.96 50.83
N VAL A 237 31.63 28.10 51.58
CA VAL A 237 32.92 28.43 52.15
C VAL A 237 34.00 28.00 51.17
N GLU A 238 34.80 28.95 50.71
CA GLU A 238 35.87 28.64 49.77
C GLU A 238 36.95 27.80 50.45
N PRO A 239 37.66 26.96 49.69
CA PRO A 239 38.70 26.12 50.29
C PRO A 239 39.74 26.94 51.04
N GLY A 240 40.08 26.48 52.24
CA GLY A 240 41.04 27.17 53.09
C GLY A 240 40.46 28.29 53.94
N ASP A 241 39.18 28.62 53.76
CA ASP A 241 38.57 29.71 54.49
C ASP A 241 38.03 29.24 55.84
N LYS A 242 37.71 30.21 56.69
CA LYS A 242 37.18 29.95 58.03
C LYS A 242 35.79 30.57 58.16
N ILE A 243 34.88 29.84 58.80
CA ILE A 243 33.54 30.34 59.10
C ILE A 243 33.33 30.25 60.61
N THR A 244 32.83 31.34 61.20
CA THR A 244 32.65 31.46 62.64
C THR A 244 31.19 31.63 62.97
N PHE A 245 30.70 30.84 63.92
CA PHE A 245 29.37 31.01 64.49
C PHE A 245 29.51 31.51 65.91
N GLU A 246 28.81 32.60 66.23
CA GLU A 246 28.85 33.19 67.56
C GLU A 246 27.43 33.62 67.91
N ALA A 247 26.99 33.28 69.12
CA ALA A 247 25.62 33.58 69.50
C ALA A 247 25.47 33.59 71.01
N THR A 248 24.44 34.29 71.48
CA THR A 248 23.93 34.19 72.84
C THR A 248 22.54 33.57 72.87
N GLY A 249 22.09 33.01 71.77
CA GLY A 249 20.80 32.34 71.72
C GLY A 249 20.27 32.31 70.30
N ASN A 250 19.18 31.57 70.13
CA ASN A 250 18.36 31.55 68.92
C ASN A 250 19.06 30.95 67.70
N LEU A 251 20.23 30.34 67.88
CA LEU A 251 21.00 29.80 66.76
C LEU A 251 20.74 28.32 66.59
N VAL A 252 20.41 27.92 65.36
CA VAL A 252 20.31 26.51 65.00
C VAL A 252 21.62 26.16 64.31
N VAL A 253 22.58 25.66 65.09
CA VAL A 253 23.94 25.42 64.60
C VAL A 253 23.95 24.32 63.55
N PRO A 254 24.86 24.37 62.59
CA PRO A 254 25.00 23.24 61.66
C PRO A 254 25.56 22.02 62.36
N ARG A 255 25.14 20.85 61.90
CA ARG A 255 25.73 19.59 62.33
C ARG A 255 26.41 18.87 61.19
N TYR A 256 25.75 18.76 60.04
CA TYR A 256 26.33 18.18 58.84
C TYR A 256 26.46 19.26 57.77
N ALA A 257 27.64 19.36 57.17
CA ALA A 257 27.87 20.19 55.99
C ALA A 257 28.09 19.28 54.79
N PHE A 258 28.39 19.91 53.65
CA PHE A 258 28.57 19.15 52.41
C PHE A 258 29.72 19.75 51.63
N ALA A 259 30.79 18.97 51.46
CA ALA A 259 31.88 19.35 50.57
C ALA A 259 31.50 18.95 49.15
N MET A 260 31.54 19.92 48.23
CA MET A 260 30.93 19.71 46.94
C MET A 260 31.69 20.44 45.85
N GLU A 261 31.45 20.01 44.61
CA GLU A 261 31.99 20.64 43.42
C GLU A 261 30.86 20.83 42.42
N ARG A 262 30.54 22.08 42.11
CA ARG A 262 29.42 22.39 41.24
C ARG A 262 29.75 22.09 39.79
N ASN A 263 28.74 21.65 39.04
CA ASN A 263 28.82 21.50 37.61
C ASN A 263 28.35 22.81 36.95
N ALA A 264 28.15 22.79 35.64
CA ALA A 264 27.65 23.93 34.91
C ALA A 264 26.44 23.48 34.10
N GLY A 265 25.30 24.13 34.33
CA GLY A 265 24.08 23.81 33.64
C GLY A 265 23.11 23.02 34.50
N SER A 266 22.22 22.30 33.83
CA SER A 266 21.18 21.48 34.44
C SER A 266 20.19 22.29 35.24
N GLY A 267 19.10 21.66 35.63
CA GLY A 267 18.04 22.32 36.36
C GLY A 267 17.26 21.33 37.17
N ILE A 268 16.05 21.72 37.52
CA ILE A 268 15.16 20.90 38.33
C ILE A 268 13.91 20.61 37.52
N ILE A 269 13.70 19.34 37.21
CA ILE A 269 12.48 18.89 36.55
C ILE A 269 11.45 18.52 37.62
N ILE A 270 10.25 19.06 37.49
CA ILE A 270 9.15 18.75 38.39
C ILE A 270 8.13 17.94 37.61
N SER A 271 8.03 16.65 37.92
CA SER A 271 7.20 15.75 37.14
C SER A 271 6.92 14.48 37.92
N ASP A 272 5.82 13.82 37.56
CA ASP A 272 5.51 12.49 38.05
C ASP A 272 6.06 11.38 37.14
N THR A 273 6.73 11.75 36.06
CA THR A 273 7.33 10.76 35.17
C THR A 273 8.38 9.96 35.94
N PRO A 274 8.36 8.63 35.86
CA PRO A 274 9.29 7.82 36.66
C PRO A 274 10.71 7.82 36.09
N VAL A 275 11.65 7.64 37.01
CA VAL A 275 13.06 7.47 36.63
C VAL A 275 13.30 6.00 36.28
N HIS A 276 13.92 5.77 35.13
CA HIS A 276 14.30 4.44 34.69
C HIS A 276 15.78 4.42 34.35
N ASP A 277 16.30 3.22 34.11
CA ASP A 277 17.71 3.06 33.76
C ASP A 277 17.84 3.17 32.25
N CYS A 278 17.96 4.41 31.77
CA CYS A 278 18.15 4.70 30.35
C CYS A 278 19.10 5.87 30.23
N ASN A 279 19.74 5.98 29.06
CA ASN A 279 20.65 7.06 28.76
C ASN A 279 20.03 8.00 27.73
N THR A 280 20.26 9.29 27.89
CA THR A 280 19.75 10.27 26.94
C THR A 280 20.68 11.47 26.92
N THR A 281 20.61 12.23 25.83
CA THR A 281 21.29 13.51 25.72
C THR A 281 20.34 14.69 25.87
N CYS A 282 19.03 14.46 25.77
CA CYS A 282 18.02 15.51 25.91
C CYS A 282 16.91 15.00 26.82
N GLN A 283 16.68 15.70 27.93
CA GLN A 283 15.68 15.31 28.92
C GLN A 283 14.53 16.31 28.93
N THR A 284 13.32 15.78 29.08
CA THR A 284 12.05 16.49 29.09
C THR A 284 11.23 16.03 30.29
N PRO A 285 10.43 16.92 30.88
CA PRO A 285 9.64 16.54 32.06
C PRO A 285 8.67 15.40 31.82
N LYS A 286 8.26 15.14 30.57
CA LYS A 286 7.36 14.02 30.29
C LYS A 286 8.08 12.84 29.67
N GLY A 287 9.41 12.84 29.66
CA GLY A 287 10.19 11.74 29.11
C GLY A 287 11.25 12.20 28.13
N ALA A 288 12.33 11.43 28.03
CA ALA A 288 13.46 11.81 27.19
C ALA A 288 13.15 11.59 25.72
N ILE A 289 13.93 12.26 24.87
CA ILE A 289 13.80 12.15 23.42
C ILE A 289 15.15 11.81 22.82
N ASN A 290 15.17 10.80 21.94
CA ASN A 290 16.37 10.36 21.25
C ASN A 290 16.21 10.74 19.77
N THR A 291 16.89 11.79 19.35
CA THR A 291 16.68 12.30 18.01
C THR A 291 17.90 13.07 17.52
N SER A 292 18.06 13.10 16.21
CA SER A 292 18.99 13.99 15.53
C SER A 292 18.28 15.11 14.80
N LEU A 293 16.95 15.14 14.83
CA LEU A 293 16.20 16.17 14.14
C LEU A 293 16.40 17.53 14.81
N PRO A 294 16.32 18.63 14.05
CA PRO A 294 16.57 19.94 14.64
C PRO A 294 15.43 20.49 15.45
N PHE A 295 14.22 19.93 15.32
CA PHE A 295 13.04 20.48 15.98
C PHE A 295 12.27 19.39 16.71
N GLN A 296 11.63 19.80 17.81
CA GLN A 296 10.75 18.94 18.60
C GLN A 296 9.60 19.76 19.13
N ASN A 297 8.49 19.10 19.41
CA ASN A 297 7.31 19.75 19.99
C ASN A 297 6.85 19.04 21.25
N ILE A 298 7.77 18.36 21.93
CA ILE A 298 7.42 17.66 23.17
C ILE A 298 7.13 18.65 24.28
N HIS A 299 8.12 19.48 24.61
CA HIS A 299 8.04 20.37 25.77
C HIS A 299 9.08 21.48 25.65
N PRO A 300 8.70 22.72 25.92
CA PRO A 300 9.68 23.82 25.79
C PRO A 300 10.77 23.82 26.84
N ILE A 301 10.59 23.14 27.97
CA ILE A 301 11.54 23.17 29.08
C ILE A 301 12.36 21.88 29.01
N THR A 302 13.61 21.99 28.54
CA THR A 302 14.44 20.82 28.31
C THR A 302 15.80 21.01 28.97
N ILE A 303 16.48 19.88 29.21
CA ILE A 303 17.85 19.87 29.72
C ILE A 303 18.68 18.97 28.82
N GLY A 304 19.83 19.46 28.39
CA GLY A 304 20.73 18.68 27.56
C GLY A 304 21.06 19.34 26.25
N LYS A 305 21.48 18.54 25.26
CA LYS A 305 21.63 19.00 23.88
C LYS A 305 20.35 18.62 23.15
N CYS A 306 19.51 19.61 22.88
CA CYS A 306 18.12 19.35 22.51
C CYS A 306 17.77 20.02 21.19
N PRO A 307 16.73 19.55 20.52
CA PRO A 307 16.18 20.30 19.38
C PRO A 307 15.46 21.54 19.86
N LYS A 308 15.23 22.45 18.92
CA LYS A 308 14.49 23.67 19.23
C LYS A 308 13.01 23.37 19.33
N TYR A 309 12.37 23.87 20.39
CA TYR A 309 10.94 23.64 20.57
C TYR A 309 10.15 24.52 19.60
N VAL A 310 9.15 23.91 18.96
CA VAL A 310 8.26 24.62 18.04
C VAL A 310 6.82 24.23 18.33
N LYS A 311 5.90 25.08 17.88
CA LYS A 311 4.47 24.83 17.97
C LYS A 311 3.94 23.96 16.84
N SER A 312 4.79 23.60 15.89
CA SER A 312 4.36 22.84 14.72
C SER A 312 3.92 21.44 15.11
N THR A 313 2.95 20.91 14.37
CA THR A 313 2.56 19.52 14.48
C THR A 313 3.13 18.66 13.36
N LYS A 314 3.54 19.26 12.25
CA LYS A 314 4.03 18.53 11.09
C LYS A 314 5.09 19.36 10.38
N LEU A 315 6.31 18.84 10.31
CA LEU A 315 7.40 19.44 9.53
C LEU A 315 7.97 18.33 8.64
N ARG A 316 7.35 18.10 7.50
CA ARG A 316 7.71 17.00 6.63
C ARG A 316 8.37 17.52 5.35
N LEU A 317 9.56 17.03 5.06
CA LEU A 317 10.39 17.52 3.97
C LEU A 317 10.32 16.53 2.81
N ALA A 318 9.87 17.01 1.66
CA ALA A 318 9.86 16.18 0.46
C ALA A 318 11.29 15.85 0.04
N THR A 319 11.53 14.57 -0.23
CA THR A 319 12.75 14.15 -0.90
C THR A 319 12.50 13.57 -2.28
N GLY A 320 11.36 12.90 -2.47
CA GLY A 320 11.01 12.33 -3.76
C GLY A 320 10.24 13.33 -4.61
N LEU A 321 9.65 12.79 -5.68
CA LEU A 321 8.88 13.58 -6.63
C LEU A 321 7.41 13.63 -6.22
N ARG A 322 6.66 14.48 -6.91
CA ARG A 322 5.22 14.38 -6.86
C ARG A 322 4.80 12.99 -7.31
N ASN A 323 3.91 12.35 -6.55
CA ASN A 323 3.53 10.96 -6.80
C ASN A 323 2.26 10.93 -7.64
N ILE A 324 2.38 10.47 -8.88
CA ILE A 324 1.25 10.43 -9.82
C ILE A 324 1.13 9.02 -10.38
N PRO A 325 0.60 8.06 -9.61
CA PRO A 325 0.57 6.66 -10.09
C PRO A 325 -0.41 6.42 -11.21
N SER A 326 -1.52 7.15 -11.29
CA SER A 326 -2.51 6.91 -12.33
C SER A 326 -3.04 8.24 -12.84
N ILE A 327 -3.53 8.22 -14.08
CA ILE A 327 -4.10 9.39 -14.72
C ILE A 327 -5.55 9.08 -15.10
N GLN A 328 -6.30 10.15 -15.37
CA GLN A 328 -7.71 10.02 -15.66
C GLN A 328 -7.94 9.24 -16.95
N SER A 329 -9.05 8.51 -17.00
CA SER A 329 -9.47 7.87 -18.24
C SER A 329 -9.71 8.92 -19.31
N ILE A 330 -9.14 8.70 -20.50
CA ILE A 330 -9.16 9.71 -21.55
C ILE A 330 -9.94 9.21 -22.76
N GLY B 1 4.96 21.58 -13.68
CA GLY B 1 5.44 22.45 -12.63
C GLY B 1 6.23 23.63 -13.17
N LEU B 2 7.28 24.03 -12.44
CA LEU B 2 8.07 25.18 -12.85
C LEU B 2 8.76 24.95 -14.20
N PHE B 3 9.07 23.70 -14.52
CA PHE B 3 9.76 23.39 -15.77
C PHE B 3 8.86 22.64 -16.77
N GLY B 4 7.59 22.47 -16.45
CA GLY B 4 6.61 22.01 -17.41
C GLY B 4 6.62 20.53 -17.75
N ALA B 5 7.44 19.72 -17.07
CA ALA B 5 7.56 18.30 -17.43
C ALA B 5 6.73 17.40 -16.53
N ILE B 6 7.03 17.38 -15.23
CA ILE B 6 6.25 16.56 -14.31
C ILE B 6 4.87 17.17 -14.15
N ALA B 7 3.83 16.34 -14.29
CA ALA B 7 2.45 16.81 -14.36
C ALA B 7 2.27 17.88 -15.42
N GLY B 8 3.16 17.89 -16.41
CA GLY B 8 3.10 18.84 -17.51
C GLY B 8 2.98 18.10 -18.83
N PHE B 9 3.94 18.29 -19.74
CA PHE B 9 3.85 17.56 -20.99
C PHE B 9 4.12 16.07 -20.82
N ILE B 10 4.54 15.64 -19.63
CA ILE B 10 4.58 14.23 -19.24
C ILE B 10 3.59 14.07 -18.11
N GLU B 11 2.41 13.53 -18.41
CA GLU B 11 1.26 13.69 -17.52
C GLU B 11 1.39 12.88 -16.23
N GLY B 12 1.91 11.66 -16.31
CA GLY B 12 1.92 10.78 -15.16
C GLY B 12 3.25 10.07 -14.96
N GLY B 13 3.41 9.52 -13.75
CA GLY B 13 4.58 8.73 -13.43
C GLY B 13 4.37 7.25 -13.71
N TRP B 14 5.45 6.50 -13.49
CA TRP B 14 5.50 5.07 -13.79
C TRP B 14 5.64 4.27 -12.51
N THR B 15 4.62 3.46 -12.18
CA THR B 15 4.77 2.52 -11.09
C THR B 15 5.64 1.34 -11.48
N GLY B 16 5.79 1.07 -12.77
CA GLY B 16 6.58 -0.06 -13.24
C GLY B 16 8.06 0.23 -13.42
N MET B 17 8.53 1.35 -12.87
CA MET B 17 9.95 1.70 -12.88
C MET B 17 10.41 1.82 -11.43
N VAL B 18 11.08 0.78 -10.94
CA VAL B 18 11.35 0.65 -9.52
C VAL B 18 12.82 0.90 -9.16
N ASP B 19 13.71 1.07 -10.14
CA ASP B 19 15.13 1.17 -9.87
C ASP B 19 15.66 2.60 -9.95
N GLY B 20 14.80 3.61 -9.97
CA GLY B 20 15.28 4.97 -10.00
C GLY B 20 14.13 5.97 -10.08
N TRP B 21 14.51 7.25 -10.01
CA TRP B 21 13.57 8.35 -10.01
C TRP B 21 13.21 8.83 -11.40
N TYR B 22 14.17 8.85 -12.33
CA TYR B 22 13.93 9.21 -13.71
C TYR B 22 14.47 8.11 -14.61
N GLY B 23 13.84 7.92 -15.75
CA GLY B 23 14.24 6.83 -16.61
C GLY B 23 13.51 6.83 -17.94
N TYR B 24 13.51 5.65 -18.57
CA TYR B 24 13.00 5.49 -19.92
C TYR B 24 12.02 4.32 -19.97
N HIS B 25 11.18 4.35 -20.99
CA HIS B 25 10.33 3.23 -21.37
C HIS B 25 10.50 3.01 -22.87
N HIS B 26 10.79 1.77 -23.26
CA HIS B 26 11.04 1.45 -24.65
C HIS B 26 10.14 0.30 -25.09
N GLN B 27 9.94 0.21 -26.40
CA GLN B 27 9.22 -0.91 -26.99
C GLN B 27 9.72 -1.13 -28.40
N ASN B 28 10.05 -2.37 -28.74
CA ASN B 28 10.46 -2.74 -30.09
C ASN B 28 10.00 -4.18 -30.35
N GLU B 29 10.51 -4.78 -31.45
CA GLU B 29 10.15 -6.15 -31.78
C GLU B 29 10.47 -7.11 -30.63
N GLN B 30 11.52 -6.84 -29.88
CA GLN B 30 11.97 -7.74 -28.83
C GLN B 30 11.21 -7.56 -27.53
N GLY B 31 10.29 -6.61 -27.46
CA GLY B 31 9.48 -6.41 -26.26
C GLY B 31 9.50 -4.97 -25.76
N SER B 32 9.23 -4.81 -24.47
CA SER B 32 9.15 -3.50 -23.85
C SER B 32 9.58 -3.62 -22.40
N GLY B 33 9.97 -2.50 -21.82
CA GLY B 33 10.32 -2.50 -20.41
C GLY B 33 10.72 -1.12 -19.95
N TYR B 34 10.95 -1.02 -18.64
CA TYR B 34 11.34 0.22 -18.00
C TYR B 34 12.76 0.11 -17.49
N ALA B 35 13.48 1.23 -17.53
CA ALA B 35 14.84 1.28 -16.99
C ALA B 35 15.14 2.69 -16.52
N ALA B 36 15.69 2.81 -15.33
CA ALA B 36 16.07 4.11 -14.79
C ALA B 36 17.37 4.60 -15.41
N ASP B 37 17.45 5.90 -15.65
CA ASP B 37 18.71 6.54 -16.03
C ASP B 37 19.52 6.70 -14.75
N LEU B 38 20.54 5.84 -14.58
CA LEU B 38 21.28 5.79 -13.33
C LEU B 38 22.06 7.07 -13.08
N LYS B 39 22.58 7.71 -14.13
CA LYS B 39 23.42 8.90 -13.96
C LYS B 39 22.63 10.04 -13.33
N SER B 40 21.48 10.38 -13.90
CA SER B 40 20.69 11.50 -13.38
C SER B 40 20.07 11.16 -12.02
N THR B 41 19.61 9.92 -11.85
CA THR B 41 19.03 9.53 -10.56
C THR B 41 20.06 9.62 -9.45
N GLN B 42 21.28 9.17 -9.70
CA GLN B 42 22.30 9.22 -8.66
C GLN B 42 22.69 10.65 -8.32
N ASN B 43 22.70 11.56 -9.31
CA ASN B 43 22.95 12.96 -9.01
C ASN B 43 21.86 13.53 -8.10
N ALA B 44 20.60 13.22 -8.40
CA ALA B 44 19.51 13.72 -7.57
C ALA B 44 19.59 13.17 -6.15
N ILE B 45 19.93 11.90 -6.01
CA ILE B 45 20.06 11.32 -4.68
C ILE B 45 21.18 12.00 -3.91
N ASP B 46 22.29 12.28 -4.58
CA ASP B 46 23.38 13.01 -3.92
C ASP B 46 22.94 14.41 -3.50
N GLY B 47 22.24 15.12 -4.39
CA GLY B 47 21.81 16.46 -4.06
C GLY B 47 20.77 16.51 -2.95
N ILE B 48 19.78 15.61 -3.00
CA ILE B 48 18.73 15.61 -1.99
C ILE B 48 19.28 15.15 -0.65
N THR B 49 20.17 14.16 -0.64
CA THR B 49 20.81 13.75 0.60
C THR B 49 21.58 14.91 1.22
N ASN B 50 22.33 15.64 0.40
CA ASN B 50 23.06 16.80 0.89
C ASN B 50 22.09 17.86 1.42
N LYS B 51 20.97 18.06 0.73
CA LYS B 51 19.99 19.05 1.16
C LYS B 51 19.41 18.70 2.52
N VAL B 52 19.07 17.42 2.73
CA VAL B 52 18.54 16.99 4.02
C VAL B 52 19.59 17.16 5.12
N ASN B 53 20.81 16.71 4.85
CA ASN B 53 21.85 16.76 5.89
C ASN B 53 22.18 18.19 6.26
N SER B 54 22.17 19.10 5.28
CA SER B 54 22.45 20.50 5.58
C SER B 54 21.41 21.09 6.50
N VAL B 55 20.12 20.82 6.24
CA VAL B 55 19.06 21.38 7.06
C VAL B 55 19.15 20.86 8.49
N ILE B 56 19.61 19.63 8.68
CA ILE B 56 19.70 19.04 10.00
C ILE B 56 21.01 19.42 10.69
N GLU B 57 22.15 19.24 10.02
CA GLU B 57 23.44 19.34 10.70
C GLU B 57 23.83 20.78 11.02
N LYS B 58 23.32 21.76 10.26
CA LYS B 58 23.61 23.15 10.59
C LYS B 58 22.96 23.58 11.90
N MET B 59 22.06 22.78 12.45
CA MET B 59 21.52 23.03 13.80
C MET B 59 22.40 22.27 14.79
N ASN B 60 23.33 22.98 15.40
CA ASN B 60 24.17 22.44 16.45
C ASN B 60 23.98 23.29 17.70
N THR B 61 23.57 22.65 18.79
CA THR B 61 23.25 23.33 20.03
C THR B 61 24.27 22.98 21.11
N GLN B 62 24.20 23.73 22.20
CA GLN B 62 25.01 23.50 23.39
C GLN B 62 24.11 22.97 24.51
N PHE B 63 24.75 22.37 25.52
CA PHE B 63 24.02 21.91 26.69
C PHE B 63 23.36 23.12 27.37
N THR B 64 22.07 23.00 27.65
CA THR B 64 21.31 24.12 28.18
C THR B 64 20.10 23.61 28.95
N ALA B 65 19.87 24.18 30.13
CA ALA B 65 18.65 23.96 30.89
C ALA B 65 17.79 25.21 30.75
N VAL B 66 16.69 25.08 30.01
CA VAL B 66 15.83 26.23 29.72
C VAL B 66 15.22 26.79 31.00
N GLY B 67 14.79 25.92 31.91
CA GLY B 67 13.91 26.34 32.98
C GLY B 67 14.58 27.25 33.99
N LYS B 68 13.75 28.12 34.57
CA LYS B 68 14.15 29.02 35.64
C LYS B 68 13.05 29.02 36.69
N GLU B 69 13.43 29.32 37.94
CA GLU B 69 12.50 29.36 39.07
C GLU B 69 12.59 30.71 39.76
N PHE B 70 11.44 31.34 40.00
CA PHE B 70 11.36 32.67 40.61
C PHE B 70 10.33 32.68 41.72
N ASN B 71 10.62 33.42 42.79
CA ASN B 71 9.70 33.52 43.92
C ASN B 71 8.62 34.56 43.63
N HIS B 72 7.71 34.73 44.60
CA HIS B 72 6.50 35.53 44.36
C HIS B 72 6.79 37.02 44.18
N LEU B 73 7.96 37.48 44.59
CA LEU B 73 8.35 38.88 44.42
C LEU B 73 9.30 39.08 43.24
N GLU B 74 9.43 38.09 42.36
CA GLU B 74 10.29 38.17 41.18
C GLU B 74 9.45 38.01 39.91
N LYS B 75 8.26 38.61 39.90
CA LYS B 75 7.32 38.40 38.81
C LYS B 75 7.80 39.04 37.51
N ARG B 76 8.47 40.20 37.60
CA ARG B 76 8.91 40.88 36.39
C ARG B 76 9.97 40.08 35.63
N ILE B 77 10.97 39.55 36.35
CA ILE B 77 11.96 38.73 35.66
C ILE B 77 11.35 37.41 35.22
N GLU B 78 10.36 36.89 35.95
CA GLU B 78 9.66 35.70 35.50
C GLU B 78 8.99 35.96 34.16
N ASN B 79 8.34 37.11 34.01
CA ASN B 79 7.73 37.47 32.73
C ASN B 79 8.78 37.76 31.67
N LEU B 80 9.91 38.36 32.06
CA LEU B 80 11.00 38.54 31.12
C LEU B 80 11.49 37.20 30.60
N ASN B 81 11.67 36.23 31.49
CA ASN B 81 12.08 34.89 31.06
C ASN B 81 11.03 34.28 30.13
N LYS B 82 9.75 34.46 30.46
CA LYS B 82 8.69 33.97 29.58
C LYS B 82 8.76 34.64 28.22
N LYS B 83 9.05 35.94 28.19
CA LYS B 83 9.15 36.66 26.92
C LYS B 83 10.28 36.09 26.06
N VAL B 84 11.42 35.76 26.68
CA VAL B 84 12.53 35.16 25.94
C VAL B 84 12.13 33.81 25.37
N ASP B 85 11.53 32.95 26.21
CA ASP B 85 11.12 31.63 25.74
C ASP B 85 10.09 31.72 24.61
N ASP B 86 9.12 32.62 24.75
CA ASP B 86 8.11 32.79 23.69
C ASP B 86 8.70 33.39 22.43
N GLY B 87 9.67 34.30 22.57
CA GLY B 87 10.27 34.91 21.40
C GLY B 87 11.05 33.92 20.57
N PHE B 88 11.83 33.06 21.22
CA PHE B 88 12.53 32.01 20.49
C PHE B 88 11.53 31.06 19.84
N LEU B 89 10.46 30.73 20.55
CA LEU B 89 9.44 29.82 20.02
C LEU B 89 8.84 30.38 18.73
N ASP B 90 8.45 31.66 18.75
CA ASP B 90 7.85 32.25 17.56
C ASP B 90 8.84 32.32 16.39
N ILE B 91 10.09 32.67 16.68
CA ILE B 91 11.10 32.75 15.62
C ILE B 91 11.35 31.37 15.03
N TRP B 92 11.54 30.36 15.89
CA TRP B 92 11.86 29.02 15.40
C TRP B 92 10.66 28.39 14.70
N THR B 93 9.45 28.56 15.26
CA THR B 93 8.27 28.01 14.60
C THR B 93 8.07 28.63 13.22
N TYR B 94 8.20 29.95 13.14
CA TYR B 94 7.95 30.63 11.87
C TYR B 94 9.00 30.27 10.83
N ASN B 95 10.27 30.29 11.21
CA ASN B 95 11.34 29.95 10.27
C ASN B 95 11.25 28.49 9.84
N ALA B 96 10.99 27.58 10.78
CA ALA B 96 10.90 26.16 10.43
C ALA B 96 9.74 25.89 9.49
N GLU B 97 8.58 26.48 9.76
CA GLU B 97 7.43 26.28 8.90
C GLU B 97 7.70 26.78 7.49
N LEU B 98 8.33 27.97 7.37
CA LEU B 98 8.55 28.55 6.06
C LEU B 98 9.69 27.84 5.31
N LEU B 99 10.73 27.43 6.03
CA LEU B 99 11.82 26.71 5.38
C LEU B 99 11.31 25.44 4.72
N VAL B 100 10.46 24.69 5.42
CA VAL B 100 9.90 23.47 4.85
C VAL B 100 9.05 23.78 3.62
N LEU B 101 8.21 24.81 3.71
CA LEU B 101 7.38 25.21 2.57
C LEU B 101 8.22 25.58 1.36
N LEU B 102 9.25 26.39 1.57
CA LEU B 102 10.05 26.87 0.43
C LEU B 102 10.93 25.78 -0.13
N GLU B 103 11.51 24.94 0.73
CA GLU B 103 12.39 23.89 0.24
C GLU B 103 11.61 22.77 -0.44
N ASN B 104 10.39 22.50 0.02
CA ASN B 104 9.57 21.51 -0.68
C ASN B 104 9.26 21.96 -2.11
N GLU B 105 8.93 23.25 -2.28
CA GLU B 105 8.71 23.76 -3.62
C GLU B 105 9.95 23.63 -4.49
N ARG B 106 11.11 23.95 -3.93
CA ARG B 106 12.35 23.86 -4.71
C ARG B 106 12.69 22.41 -5.02
N THR B 107 12.42 21.49 -4.09
CA THR B 107 12.71 20.08 -4.34
C THR B 107 11.85 19.54 -5.47
N LEU B 108 10.55 19.84 -5.45
CA LEU B 108 9.67 19.42 -6.55
C LEU B 108 10.08 20.07 -7.86
N ASP B 109 10.49 21.34 -7.83
CA ASP B 109 11.02 21.99 -9.03
C ASP B 109 12.30 21.29 -9.50
N TYR B 110 13.17 20.93 -8.56
CA TYR B 110 14.43 20.26 -8.91
C TYR B 110 14.17 18.95 -9.64
N HIS B 111 13.24 18.13 -9.15
CA HIS B 111 12.87 16.91 -9.86
C HIS B 111 12.29 17.24 -11.23
N ASP B 112 11.49 18.31 -11.31
CA ASP B 112 10.91 18.69 -12.59
C ASP B 112 12.00 19.08 -13.59
N SER B 113 13.01 19.80 -13.12
CA SER B 113 14.12 20.19 -13.99
C SER B 113 14.85 18.97 -14.53
N ASN B 114 15.10 17.98 -13.65
CA ASN B 114 15.85 16.80 -14.09
C ASN B 114 15.10 16.04 -15.17
N VAL B 115 13.78 15.85 -15.01
CA VAL B 115 13.00 15.18 -16.03
C VAL B 115 13.02 15.98 -17.33
N LYS B 116 12.91 17.31 -17.22
CA LYS B 116 12.96 18.17 -18.40
C LYS B 116 14.31 18.05 -19.12
N ASN B 117 15.41 18.12 -18.36
CA ASN B 117 16.73 18.04 -18.97
C ASN B 117 16.98 16.67 -19.59
N LEU B 118 16.47 15.61 -18.96
CA LEU B 118 16.65 14.27 -19.51
C LEU B 118 15.96 14.15 -20.87
N TYR B 119 14.73 14.69 -20.98
CA TYR B 119 14.04 14.67 -22.26
C TYR B 119 14.80 15.44 -23.32
N GLU B 120 15.33 16.62 -22.95
CA GLU B 120 16.02 17.46 -23.93
C GLU B 120 17.31 16.82 -24.42
N LYS B 121 18.02 16.11 -23.53
CA LYS B 121 19.22 15.40 -23.97
C LYS B 121 18.89 14.38 -25.05
N VAL B 122 17.84 13.59 -24.83
CA VAL B 122 17.45 12.59 -25.82
C VAL B 122 17.03 13.25 -27.12
N ARG B 123 16.23 14.32 -27.03
CA ARG B 123 15.76 14.99 -28.24
C ARG B 123 16.93 15.52 -29.07
N SER B 124 17.94 16.07 -28.39
CA SER B 124 19.10 16.59 -29.12
C SER B 124 19.90 15.48 -29.77
N GLN B 125 19.91 14.28 -29.19
CA GLN B 125 20.58 13.14 -29.82
C GLN B 125 19.82 12.65 -31.05
N LEU B 126 18.50 12.48 -30.92
CA LEU B 126 17.74 11.79 -31.97
C LEU B 126 17.53 12.66 -33.20
N LYS B 127 17.26 13.95 -33.01
CA LYS B 127 17.09 14.92 -34.10
C LYS B 127 16.06 14.39 -35.10
N ASN B 128 16.39 14.32 -36.39
CA ASN B 128 15.49 13.89 -37.44
C ASN B 128 15.14 12.42 -37.37
N ASN B 129 15.94 11.61 -36.68
CA ASN B 129 15.76 10.16 -36.75
C ASN B 129 14.48 9.69 -36.05
N ALA B 130 13.88 10.52 -35.21
CA ALA B 130 12.68 10.14 -34.47
C ALA B 130 11.68 11.27 -34.54
N LYS B 131 10.42 10.92 -34.30
CA LYS B 131 9.33 11.88 -34.27
C LYS B 131 8.86 12.09 -32.84
N GLU B 132 8.63 13.34 -32.47
CA GLU B 132 8.07 13.65 -31.15
C GLU B 132 6.56 13.45 -31.21
N ILE B 133 6.07 12.37 -30.61
CA ILE B 133 4.66 12.03 -30.66
C ILE B 133 3.92 12.52 -29.42
N GLY B 134 4.60 13.27 -28.55
CA GLY B 134 3.99 13.84 -27.38
C GLY B 134 4.17 12.98 -26.14
N ASN B 135 3.84 13.57 -24.99
CA ASN B 135 3.90 12.90 -23.69
C ASN B 135 5.30 12.38 -23.39
N GLY B 136 6.33 13.10 -23.83
CA GLY B 136 7.69 12.68 -23.57
C GLY B 136 8.11 11.41 -24.28
N CYS B 137 7.61 11.19 -25.49
CA CYS B 137 7.88 9.97 -26.24
C CYS B 137 8.40 10.31 -27.62
N PHE B 138 9.31 9.46 -28.09
CA PHE B 138 9.85 9.53 -29.45
C PHE B 138 9.45 8.26 -30.19
N GLU B 139 9.04 8.41 -31.44
CA GLU B 139 8.79 7.26 -32.31
C GLU B 139 9.79 7.32 -33.46
N PHE B 140 10.66 6.32 -33.53
CA PHE B 140 11.77 6.34 -34.45
C PHE B 140 11.30 6.17 -35.90
N TYR B 141 12.08 6.75 -36.82
CA TYR B 141 11.93 6.50 -38.24
C TYR B 141 12.82 5.35 -38.72
N HIS B 142 13.31 4.54 -37.78
CA HIS B 142 14.12 3.38 -38.10
C HIS B 142 14.02 2.39 -36.95
N LYS B 143 14.04 1.11 -37.26
CA LYS B 143 13.92 0.10 -36.22
C LYS B 143 15.09 0.23 -35.25
N CYS B 144 14.77 0.19 -33.95
CA CYS B 144 15.72 0.45 -32.88
C CYS B 144 15.69 -0.73 -31.92
N ASP B 145 16.59 -1.69 -32.12
CA ASP B 145 16.65 -2.89 -31.31
C ASP B 145 17.18 -2.55 -29.92
N ASN B 146 17.32 -3.60 -29.09
CA ASN B 146 17.74 -3.39 -27.70
C ASN B 146 19.11 -2.71 -27.64
N THR B 147 20.02 -3.06 -28.55
CA THR B 147 21.31 -2.39 -28.59
C THR B 147 21.18 -0.92 -28.94
N CYS B 148 20.34 -0.61 -29.93
CA CYS B 148 20.09 0.78 -30.28
C CYS B 148 19.47 1.54 -29.11
N MET B 149 18.55 0.90 -28.38
CA MET B 149 17.97 1.54 -27.20
C MET B 149 19.04 1.85 -26.16
N GLU B 150 19.95 0.90 -25.92
CA GLU B 150 21.01 1.12 -24.94
C GLU B 150 21.89 2.30 -25.31
N SER B 151 22.11 2.52 -26.61
CA SER B 151 22.89 3.68 -27.02
C SER B 151 22.21 4.99 -26.61
N VAL B 152 20.88 5.06 -26.75
CA VAL B 152 20.16 6.27 -26.39
C VAL B 152 20.18 6.48 -24.89
N LYS B 153 19.86 5.43 -24.12
CA LYS B 153 19.83 5.54 -22.67
C LYS B 153 21.21 5.79 -22.09
N ASN B 154 22.27 5.44 -22.83
CA ASN B 154 23.64 5.68 -22.40
C ASN B 154 24.23 6.94 -22.99
N GLY B 155 23.49 7.66 -23.83
CA GLY B 155 24.01 8.87 -24.43
C GLY B 155 25.03 8.64 -25.53
N THR B 156 25.07 7.46 -26.10
CA THR B 156 26.03 7.11 -27.14
C THR B 156 25.33 6.79 -28.46
N TYR B 157 24.28 7.54 -28.77
CA TYR B 157 23.50 7.30 -29.98
C TYR B 157 24.25 7.80 -31.21
N ASP B 158 24.33 6.94 -32.23
CA ASP B 158 25.03 7.24 -33.48
C ASP B 158 23.99 7.74 -34.49
N TYR B 159 23.84 9.06 -34.58
CA TYR B 159 22.89 9.62 -35.53
C TYR B 159 23.22 9.28 -36.98
N PRO B 160 24.44 9.47 -37.48
CA PRO B 160 24.71 9.16 -38.89
C PRO B 160 24.56 7.69 -39.24
N LYS B 161 24.69 6.79 -38.26
CA LYS B 161 24.56 5.37 -38.54
C LYS B 161 23.17 5.01 -39.05
N TYR B 162 22.15 5.74 -38.61
CA TYR B 162 20.78 5.50 -39.05
C TYR B 162 20.19 6.64 -39.85
N SER B 163 20.97 7.69 -40.12
CA SER B 163 20.39 8.93 -40.67
C SER B 163 19.76 8.71 -42.03
N GLU B 164 20.39 7.90 -42.89
CA GLU B 164 19.86 7.72 -44.24
C GLU B 164 18.61 6.83 -44.24
N GLU B 165 18.62 5.76 -43.44
CA GLU B 165 17.42 4.92 -43.34
C GLU B 165 16.23 5.72 -42.81
N ALA B 166 16.47 6.51 -41.76
CA ALA B 166 15.41 7.37 -41.23
C ALA B 166 14.97 8.40 -42.25
N LYS B 167 15.91 8.93 -43.02
CA LYS B 167 15.57 9.96 -44.01
C LYS B 167 14.63 9.42 -45.08
N LEU B 168 14.90 8.21 -45.58
CA LEU B 168 14.03 7.63 -46.60
C LEU B 168 12.62 7.38 -46.04
N ASN B 169 12.55 6.77 -44.86
CA ASN B 169 11.25 6.52 -44.25
C ASN B 169 10.54 7.82 -43.88
N ARG B 170 11.29 8.81 -43.39
CA ARG B 170 10.68 10.10 -43.09
C ARG B 170 10.15 10.78 -44.34
N GLU B 171 10.91 10.72 -45.44
CA GLU B 171 10.50 11.40 -46.66
C GLU B 171 9.32 10.69 -47.33
N GLU B 172 9.28 9.35 -47.33
CA GLU B 172 8.10 8.68 -47.89
C GLU B 172 6.87 8.98 -47.05
N ILE B 173 6.91 8.64 -45.76
CA ILE B 173 5.73 8.78 -44.90
C ILE B 173 5.16 10.19 -45.03
N ASP B 174 6.03 11.18 -45.19
CA ASP B 174 5.62 12.56 -45.49
C ASP B 174 5.55 12.82 -47.00
N SER B 175 4.78 12.02 -47.73
CA SER B 175 4.60 12.21 -49.17
C SER B 175 3.27 11.62 -49.64
N GLU C 1 -20.46 7.02 -27.28
CA GLU C 1 -19.89 5.75 -26.86
C GLU C 1 -18.85 5.24 -27.84
N VAL C 2 -17.81 4.58 -27.31
CA VAL C 2 -16.82 3.95 -28.16
C VAL C 2 -17.48 2.82 -28.94
N GLN C 3 -17.25 2.79 -30.25
CA GLN C 3 -17.80 1.76 -31.11
C GLN C 3 -16.74 1.25 -32.07
N LEU C 4 -16.64 -0.08 -32.17
CA LEU C 4 -15.75 -0.73 -33.12
C LEU C 4 -16.54 -1.84 -33.80
N VAL C 5 -16.81 -1.69 -35.10
CA VAL C 5 -17.49 -2.72 -35.88
C VAL C 5 -16.53 -3.20 -36.96
N GLU C 6 -16.25 -4.50 -36.98
CA GLU C 6 -15.35 -5.07 -37.96
C GLU C 6 -16.13 -5.88 -38.99
N SER C 7 -15.55 -6.02 -40.17
CA SER C 7 -16.21 -6.66 -41.29
C SER C 7 -15.16 -7.25 -42.21
N GLY C 8 -15.62 -8.01 -43.21
CA GLY C 8 -14.75 -8.66 -44.16
C GLY C 8 -14.48 -10.12 -43.89
N GLY C 9 -14.96 -10.67 -42.78
CA GLY C 9 -14.77 -12.07 -42.52
C GLY C 9 -15.63 -12.95 -43.40
N GLY C 10 -15.18 -14.17 -43.63
CA GLY C 10 -15.90 -15.08 -44.50
C GLY C 10 -15.12 -16.35 -44.70
N LEU C 11 -15.41 -17.02 -45.82
CA LEU C 11 -14.82 -18.30 -46.16
C LEU C 11 -13.72 -18.09 -47.20
N VAL C 12 -12.57 -18.71 -46.98
CA VAL C 12 -11.46 -18.68 -47.92
C VAL C 12 -10.77 -20.04 -47.92
N GLN C 13 -10.34 -20.49 -49.10
CA GLN C 13 -9.59 -21.72 -49.20
C GLN C 13 -8.18 -21.51 -48.65
N PRO C 14 -7.50 -22.59 -48.23
CA PRO C 14 -6.14 -22.44 -47.73
C PRO C 14 -5.22 -21.80 -48.76
N GLY C 15 -4.29 -20.99 -48.28
CA GLY C 15 -3.42 -20.23 -49.15
C GLY C 15 -4.04 -18.99 -49.75
N GLY C 16 -5.33 -18.75 -49.51
CA GLY C 16 -6.00 -17.57 -50.03
C GLY C 16 -5.76 -16.34 -49.18
N SER C 17 -6.39 -15.24 -49.59
CA SER C 17 -6.19 -13.94 -48.96
C SER C 17 -7.53 -13.33 -48.58
N LEU C 18 -7.50 -12.52 -47.52
CA LEU C 18 -8.69 -11.83 -47.04
C LEU C 18 -8.24 -10.53 -46.37
N ARG C 19 -9.08 -9.51 -46.44
CA ARG C 19 -8.77 -8.20 -45.88
C ARG C 19 -9.87 -7.81 -44.91
N LEU C 20 -9.59 -7.91 -43.61
CA LEU C 20 -10.51 -7.42 -42.60
C LEU C 20 -10.40 -5.92 -42.46
N SER C 21 -11.51 -5.28 -42.12
CA SER C 21 -11.54 -3.85 -41.84
C SER C 21 -12.33 -3.62 -40.56
N CYS C 22 -12.03 -2.50 -39.90
CA CYS C 22 -12.71 -2.11 -38.67
C CYS C 22 -13.09 -0.64 -38.74
N ALA C 23 -14.35 -0.34 -38.47
CA ALA C 23 -14.85 1.03 -38.49
C ALA C 23 -14.90 1.56 -37.06
N ALA C 24 -14.19 2.66 -36.81
CA ALA C 24 -14.08 3.23 -35.49
C ALA C 24 -14.90 4.50 -35.39
N SER C 25 -15.61 4.65 -34.27
CA SER C 25 -16.44 5.82 -34.03
C SER C 25 -16.54 6.06 -32.54
N GLY C 26 -16.84 7.31 -32.17
CA GLY C 26 -16.99 7.67 -30.79
C GLY C 26 -15.72 8.07 -30.06
N PHE C 27 -14.59 8.18 -30.76
CA PHE C 27 -13.35 8.62 -30.14
C PHE C 27 -12.44 9.16 -31.23
N THR C 28 -11.35 9.80 -30.82
CA THR C 28 -10.39 10.40 -31.74
C THR C 28 -9.47 9.31 -32.24
N PHE C 29 -9.87 8.69 -33.36
CA PHE C 29 -9.16 7.51 -33.87
C PHE C 29 -7.72 7.82 -34.21
N ASN C 30 -7.42 9.03 -34.66
CA ASN C 30 -6.06 9.37 -35.10
C ASN C 30 -5.08 9.55 -33.93
N THR C 31 -5.50 9.36 -32.69
CA THR C 31 -4.59 9.46 -31.56
C THR C 31 -4.37 8.14 -30.83
N TYR C 32 -5.12 7.10 -31.15
CA TYR C 32 -5.08 5.84 -30.41
C TYR C 32 -4.29 4.78 -31.17
N ASN C 33 -3.54 3.98 -30.42
CA ASN C 33 -2.98 2.75 -30.95
C ASN C 33 -4.06 1.67 -31.04
N MET C 34 -3.95 0.80 -32.02
CA MET C 34 -4.94 -0.23 -32.29
C MET C 34 -4.32 -1.63 -32.30
N ASN C 35 -5.17 -2.63 -32.06
CA ASN C 35 -4.74 -4.02 -31.99
C ASN C 35 -5.77 -4.92 -32.66
N TRP C 36 -5.30 -6.07 -33.15
CA TRP C 36 -6.17 -7.17 -33.56
C TRP C 36 -5.94 -8.35 -32.63
N VAL C 37 -7.03 -8.93 -32.15
CA VAL C 37 -6.98 -10.13 -31.32
C VAL C 37 -7.92 -11.16 -31.93
N ARG C 38 -7.49 -12.41 -31.94
CA ARG C 38 -8.32 -13.47 -32.50
C ARG C 38 -8.58 -14.55 -31.47
N GLN C 39 -9.66 -15.29 -31.71
CA GLN C 39 -10.07 -16.38 -30.82
C GLN C 39 -10.56 -17.54 -31.67
N ALA C 40 -9.82 -18.64 -31.64
CA ALA C 40 -10.26 -19.85 -32.34
C ALA C 40 -11.50 -20.42 -31.67
N PRO C 41 -12.35 -21.12 -32.41
CA PRO C 41 -13.57 -21.69 -31.80
C PRO C 41 -13.24 -22.57 -30.60
N GLY C 42 -13.77 -22.17 -29.45
CA GLY C 42 -13.58 -22.91 -28.22
C GLY C 42 -12.23 -22.72 -27.55
N LYS C 43 -11.39 -21.84 -28.05
CA LYS C 43 -10.06 -21.62 -27.50
C LYS C 43 -9.98 -20.24 -26.85
N GLY C 44 -8.79 -19.93 -26.33
CA GLY C 44 -8.57 -18.67 -25.64
C GLY C 44 -8.32 -17.52 -26.60
N LEU C 45 -7.70 -16.47 -26.07
CA LEU C 45 -7.48 -15.24 -26.82
C LEU C 45 -6.02 -15.16 -27.25
N GLU C 46 -5.79 -14.85 -28.52
CA GLU C 46 -4.44 -14.70 -29.06
C GLU C 46 -4.31 -13.34 -29.71
N TRP C 47 -3.34 -12.55 -29.24
CA TRP C 47 -3.04 -11.28 -29.87
C TRP C 47 -2.38 -11.50 -31.23
N VAL C 48 -2.80 -10.73 -32.22
CA VAL C 48 -2.35 -10.90 -33.60
C VAL C 48 -1.37 -9.80 -34.00
N SER C 49 -1.81 -8.53 -33.96
CA SER C 49 -1.01 -7.46 -34.51
C SER C 49 -1.31 -6.15 -33.78
N TYR C 50 -0.31 -5.25 -33.81
CA TYR C 50 -0.40 -3.93 -33.21
C TYR C 50 -0.01 -2.89 -34.24
N ILE C 51 -0.70 -1.76 -34.26
CA ILE C 51 -0.31 -0.61 -35.09
C ILE C 51 -0.44 0.66 -34.27
N SER C 52 0.55 1.53 -34.40
CA SER C 52 0.56 2.78 -33.68
C SER C 52 -0.32 3.81 -34.37
N SER C 53 -0.56 4.93 -33.67
CA SER C 53 -1.36 6.02 -34.21
C SER C 53 -0.77 6.54 -35.53
N SER C 54 0.55 6.68 -35.58
CA SER C 54 1.24 7.20 -36.75
C SER C 54 1.48 6.17 -37.84
N SER C 55 1.19 4.89 -37.58
CA SER C 55 1.43 3.74 -38.46
C SER C 55 2.92 3.39 -38.57
N LEU C 56 3.80 4.12 -37.89
CA LEU C 56 5.23 3.81 -37.97
C LEU C 56 5.53 2.48 -37.29
N SER C 57 4.92 2.20 -36.15
CA SER C 57 5.18 0.99 -35.39
C SER C 57 4.11 -0.05 -35.69
N ARG C 58 4.54 -1.20 -36.23
CA ARG C 58 3.65 -2.32 -36.48
C ARG C 58 4.31 -3.58 -35.94
N TYR C 59 3.60 -4.31 -35.10
CA TYR C 59 4.12 -5.52 -34.47
C TYR C 59 3.18 -6.68 -34.77
N TYR C 60 3.73 -7.88 -34.78
CA TYR C 60 2.98 -9.08 -35.14
C TYR C 60 3.35 -10.22 -34.21
N ALA C 61 2.39 -11.12 -34.02
CA ALA C 61 2.68 -12.38 -33.35
C ALA C 61 3.60 -13.23 -34.21
N ASP C 62 4.34 -14.13 -33.56
CA ASP C 62 5.26 -14.99 -34.28
C ASP C 62 4.55 -15.83 -35.34
N SER C 63 3.32 -16.27 -35.08
CA SER C 63 2.64 -17.18 -35.97
C SER C 63 1.96 -16.50 -37.15
N VAL C 64 2.10 -15.18 -37.30
CA VAL C 64 1.47 -14.47 -38.41
C VAL C 64 2.49 -13.58 -39.11
N LYS C 65 3.68 -13.47 -38.54
CA LYS C 65 4.72 -12.63 -39.13
C LYS C 65 5.05 -13.12 -40.53
N GLY C 66 5.05 -12.19 -41.49
CA GLY C 66 5.28 -12.50 -42.89
C GLY C 66 4.03 -12.74 -43.69
N ARG C 67 2.92 -13.09 -43.04
CA ARG C 67 1.66 -13.36 -43.74
C ARG C 67 0.61 -12.30 -43.53
N PHE C 68 0.57 -11.66 -42.36
CA PHE C 68 -0.40 -10.62 -42.06
C PHE C 68 0.27 -9.25 -42.10
N THR C 69 -0.45 -8.28 -42.63
CA THR C 69 -0.03 -6.89 -42.67
C THR C 69 -1.14 -6.03 -42.10
N ILE C 70 -0.82 -5.22 -41.09
CA ILE C 70 -1.78 -4.33 -40.47
C ILE C 70 -1.57 -2.93 -41.04
N SER C 71 -2.66 -2.19 -41.21
CA SER C 71 -2.60 -0.83 -41.75
C SER C 71 -3.76 -0.04 -41.16
N ARG C 72 -3.81 1.25 -41.50
CA ARG C 72 -4.76 2.14 -40.86
C ARG C 72 -4.93 3.40 -41.72
N ASP C 73 -6.18 3.85 -41.85
CA ASP C 73 -6.51 5.08 -42.57
C ASP C 73 -7.18 6.02 -41.57
N ASN C 74 -6.36 6.88 -40.95
CA ASN C 74 -6.87 7.76 -39.91
C ASN C 74 -7.92 8.74 -40.44
N ALA C 75 -7.80 9.13 -41.71
CA ALA C 75 -8.79 10.06 -42.28
C ALA C 75 -10.16 9.42 -42.40
N LYS C 76 -10.22 8.10 -42.53
CA LYS C 76 -11.48 7.37 -42.68
C LYS C 76 -11.85 6.55 -41.45
N ASN C 77 -11.16 6.77 -40.32
CA ASN C 77 -11.49 6.09 -39.06
C ASN C 77 -11.56 4.57 -39.24
N SER C 78 -10.61 4.03 -40.00
CA SER C 78 -10.64 2.63 -40.39
C SER C 78 -9.32 1.96 -40.03
N LEU C 79 -9.43 0.73 -39.55
CA LEU C 79 -8.30 -0.16 -39.30
C LEU C 79 -8.43 -1.35 -40.23
N PHE C 80 -7.30 -1.86 -40.72
CA PHE C 80 -7.29 -2.94 -41.69
C PHE C 80 -6.33 -4.03 -41.25
N LEU C 81 -6.59 -5.24 -41.73
CA LEU C 81 -5.69 -6.37 -41.52
C LEU C 81 -5.67 -7.20 -42.80
N GLN C 82 -4.54 -7.18 -43.50
CA GLN C 82 -4.36 -8.00 -44.69
C GLN C 82 -3.86 -9.37 -44.27
N MET C 83 -4.58 -10.41 -44.68
CA MET C 83 -4.23 -11.79 -44.35
C MET C 83 -3.91 -12.53 -45.63
N ASN C 84 -2.71 -13.08 -45.71
CA ASN C 84 -2.25 -13.80 -46.89
C ASN C 84 -1.71 -15.15 -46.47
N SER C 85 -1.73 -16.12 -47.40
CA SER C 85 -1.23 -17.46 -47.15
C SER C 85 -1.93 -18.09 -45.95
N LEU C 86 -3.26 -17.98 -45.93
CA LEU C 86 -4.04 -18.39 -44.77
C LEU C 86 -4.00 -19.91 -44.59
N ARG C 87 -3.73 -20.32 -43.35
CA ARG C 87 -3.76 -21.72 -42.95
C ARG C 87 -5.08 -22.04 -42.26
N ALA C 88 -5.30 -23.33 -42.01
CA ALA C 88 -6.51 -23.75 -41.32
C ALA C 88 -6.54 -23.22 -39.89
N GLU C 89 -5.39 -23.18 -39.22
CA GLU C 89 -5.32 -22.68 -37.85
C GLU C 89 -5.67 -21.21 -37.74
N ASP C 90 -5.69 -20.47 -38.85
CA ASP C 90 -6.11 -19.08 -38.82
C ASP C 90 -7.61 -18.93 -38.67
N THR C 91 -8.38 -20.01 -38.75
CA THR C 91 -9.82 -19.92 -38.54
C THR C 91 -10.09 -19.47 -37.11
N ALA C 92 -10.81 -18.36 -36.97
CA ALA C 92 -11.05 -17.75 -35.67
C ALA C 92 -11.98 -16.55 -35.86
N VAL C 93 -12.43 -16.02 -34.73
CA VAL C 93 -13.08 -14.71 -34.69
C VAL C 93 -12.00 -13.66 -34.47
N TYR C 94 -11.96 -12.66 -35.34
CA TYR C 94 -10.96 -11.61 -35.27
C TYR C 94 -11.59 -10.36 -34.65
N TYR C 95 -11.03 -9.94 -33.52
CA TYR C 95 -11.55 -8.78 -32.80
C TYR C 95 -10.70 -7.56 -33.07
N CYS C 96 -11.37 -6.43 -33.25
CA CYS C 96 -10.75 -5.13 -33.33
C CYS C 96 -10.77 -4.52 -31.93
N ALA C 97 -9.61 -4.07 -31.46
CA ALA C 97 -9.50 -3.55 -30.10
C ALA C 97 -8.77 -2.20 -30.09
N ARG C 98 -9.15 -1.36 -29.12
CA ARG C 98 -8.56 -0.04 -28.97
C ARG C 98 -7.61 -0.03 -27.78
N GLY C 99 -6.40 0.48 -28.01
CA GLY C 99 -5.37 0.55 -26.99
C GLY C 99 -5.31 1.93 -26.36
N ALA C 100 -4.10 2.30 -25.94
CA ALA C 100 -3.85 3.59 -25.31
C ALA C 100 -3.51 4.63 -26.36
N GLN C 101 -3.64 5.90 -25.95
CA GLN C 101 -3.30 7.01 -26.84
C GLN C 101 -1.80 7.07 -27.08
N ALA C 102 -1.43 7.59 -28.25
CA ALA C 102 -0.03 7.77 -28.62
C ALA C 102 0.72 8.55 -27.55
N GLY C 103 1.69 7.88 -26.92
CA GLY C 103 2.44 8.45 -25.82
C GLY C 103 1.98 7.98 -24.45
N TYR C 104 0.79 7.38 -24.35
CA TYR C 104 0.27 6.91 -23.08
C TYR C 104 0.26 5.38 -23.00
N SER C 105 1.04 4.71 -23.84
CA SER C 105 1.08 3.26 -23.83
C SER C 105 1.50 2.77 -22.45
N SER C 106 0.91 1.64 -22.03
CA SER C 106 1.11 1.02 -20.73
C SER C 106 0.63 1.90 -19.57
N PHE C 107 -0.15 2.94 -19.86
CA PHE C 107 -1.00 3.56 -18.83
C PHE C 107 -2.37 2.92 -18.80
N PHE C 108 -2.85 2.47 -19.95
CA PHE C 108 -4.05 1.67 -20.11
C PHE C 108 -3.70 0.43 -20.92
N PRO C 109 -4.40 -0.68 -20.70
CA PRO C 109 -4.08 -1.90 -21.42
C PRO C 109 -4.27 -1.70 -22.91
N PRO C 110 -3.51 -2.42 -23.74
CA PRO C 110 -3.61 -2.21 -25.19
C PRO C 110 -4.89 -2.72 -25.81
N THR C 111 -5.77 -3.40 -25.04
CA THR C 111 -7.08 -3.80 -25.54
C THR C 111 -8.13 -3.35 -24.53
N THR C 112 -8.51 -2.07 -24.61
CA THR C 112 -9.43 -1.50 -23.64
C THR C 112 -10.89 -1.66 -24.06
N PHE C 113 -11.17 -1.47 -25.35
CA PHE C 113 -12.51 -1.68 -25.90
C PHE C 113 -12.40 -2.61 -27.09
N TRP C 114 -13.34 -3.56 -27.18
CA TRP C 114 -13.34 -4.58 -28.21
C TRP C 114 -14.58 -4.43 -29.08
N GLY C 115 -14.44 -4.74 -30.36
CA GLY C 115 -15.58 -4.85 -31.25
C GLY C 115 -16.25 -6.20 -31.11
N GLN C 116 -17.36 -6.37 -31.85
CA GLN C 116 -18.08 -7.63 -31.77
C GLN C 116 -17.28 -8.77 -32.37
N GLY C 117 -16.52 -8.50 -33.43
CA GLY C 117 -15.72 -9.52 -34.06
C GLY C 117 -16.27 -9.93 -35.41
N THR C 118 -15.42 -10.58 -36.20
CA THR C 118 -15.82 -11.11 -37.49
C THR C 118 -15.17 -12.47 -37.68
N LEU C 119 -15.94 -13.42 -38.20
CA LEU C 119 -15.52 -14.81 -38.27
C LEU C 119 -14.81 -15.08 -39.59
N VAL C 120 -13.66 -15.75 -39.50
CA VAL C 120 -12.86 -16.12 -40.66
C VAL C 120 -12.69 -17.63 -40.64
N THR C 121 -13.10 -18.28 -41.74
CA THR C 121 -13.00 -19.73 -41.86
C THR C 121 -12.10 -20.07 -43.03
N VAL C 122 -11.07 -20.87 -42.76
CA VAL C 122 -10.08 -21.26 -43.76
C VAL C 122 -10.21 -22.77 -43.94
N SER C 123 -10.84 -23.20 -45.03
CA SER C 123 -10.97 -24.61 -45.34
C SER C 123 -11.22 -24.78 -46.82
N SER C 124 -10.91 -25.97 -47.33
CA SER C 124 -11.14 -26.30 -48.73
C SER C 124 -12.58 -26.68 -49.02
N ALA C 125 -13.39 -26.93 -47.99
CA ALA C 125 -14.77 -27.35 -48.21
C ALA C 125 -15.57 -26.23 -48.86
N SER C 126 -16.68 -26.61 -49.49
CA SER C 126 -17.53 -25.69 -50.22
C SER C 126 -18.86 -25.49 -49.49
N THR C 127 -19.51 -24.37 -49.78
CA THR C 127 -20.80 -24.07 -49.18
C THR C 127 -21.82 -25.13 -49.58
N LYS C 128 -22.37 -25.82 -48.58
CA LYS C 128 -23.26 -26.95 -48.80
C LYS C 128 -24.41 -26.92 -47.82
N GLY C 129 -25.61 -27.17 -48.33
CA GLY C 129 -26.80 -27.26 -47.50
C GLY C 129 -26.79 -28.51 -46.64
N PRO C 130 -27.62 -28.54 -45.61
CA PRO C 130 -27.59 -29.65 -44.65
C PRO C 130 -28.57 -30.76 -45.00
N SER C 131 -28.27 -31.95 -44.48
CA SER C 131 -29.16 -33.10 -44.57
C SER C 131 -29.86 -33.27 -43.23
N VAL C 132 -31.18 -33.26 -43.24
CA VAL C 132 -31.99 -33.31 -42.03
C VAL C 132 -32.49 -34.73 -41.86
N PHE C 133 -32.05 -35.40 -40.80
CA PHE C 133 -32.39 -36.78 -40.53
C PHE C 133 -33.11 -36.89 -39.20
N PRO C 134 -34.28 -37.52 -39.15
CA PRO C 134 -35.05 -37.56 -37.90
C PRO C 134 -34.46 -38.52 -36.89
N LEU C 135 -34.82 -38.28 -35.63
CA LEU C 135 -34.48 -39.14 -34.50
C LEU C 135 -35.81 -39.58 -33.89
N ALA C 136 -36.36 -40.67 -34.40
CA ALA C 136 -37.70 -41.10 -34.01
C ALA C 136 -37.73 -41.45 -32.53
N PRO C 137 -38.79 -41.06 -31.80
CA PRO C 137 -38.87 -41.40 -30.39
C PRO C 137 -38.90 -42.91 -30.17
N SER C 138 -38.26 -43.35 -29.08
CA SER C 138 -38.22 -44.77 -28.76
C SER C 138 -39.62 -45.29 -28.45
N SER C 139 -39.93 -46.47 -28.97
CA SER C 139 -41.25 -47.06 -28.83
C SER C 139 -41.37 -47.93 -27.58
N LYS C 140 -40.38 -47.91 -26.69
CA LYS C 140 -40.40 -48.70 -25.46
C LYS C 140 -40.06 -47.83 -24.26
N SER C 141 -40.60 -46.62 -24.22
CA SER C 141 -40.48 -45.76 -23.05
C SER C 141 -41.63 -46.08 -22.09
N THR C 142 -41.81 -45.23 -21.08
CA THR C 142 -42.89 -45.41 -20.11
C THR C 142 -44.13 -44.64 -20.53
N SER C 143 -45.28 -45.05 -19.97
CA SER C 143 -46.56 -44.48 -20.36
C SER C 143 -46.80 -43.09 -19.79
N GLY C 144 -46.09 -42.70 -18.73
CA GLY C 144 -46.29 -41.40 -18.12
C GLY C 144 -45.08 -40.48 -18.20
N GLY C 145 -43.88 -41.06 -18.20
CA GLY C 145 -42.68 -40.26 -18.25
C GLY C 145 -42.46 -39.64 -19.62
N THR C 146 -41.59 -38.63 -19.64
CA THR C 146 -41.37 -37.86 -20.86
C THR C 146 -40.52 -38.66 -21.86
N ALA C 147 -40.58 -38.22 -23.12
CA ALA C 147 -39.77 -38.80 -24.19
C ALA C 147 -39.18 -37.66 -25.01
N ALA C 148 -38.06 -37.95 -25.66
CA ALA C 148 -37.34 -36.96 -26.45
C ALA C 148 -37.28 -37.39 -27.91
N LEU C 149 -37.59 -36.46 -28.80
CA LEU C 149 -37.44 -36.64 -30.24
C LEU C 149 -36.72 -35.43 -30.81
N GLY C 150 -35.88 -35.66 -31.82
CA GLY C 150 -35.05 -34.58 -32.34
C GLY C 150 -34.75 -34.74 -33.80
N CYS C 151 -34.11 -33.70 -34.34
CA CYS C 151 -33.70 -33.66 -35.74
C CYS C 151 -32.17 -33.65 -35.80
N LEU C 152 -31.61 -34.43 -36.73
CA LEU C 152 -30.17 -34.50 -36.93
C LEU C 152 -29.82 -33.73 -38.20
N VAL C 153 -29.11 -32.63 -38.03
CA VAL C 153 -28.68 -31.77 -39.13
C VAL C 153 -27.22 -32.11 -39.42
N LYS C 154 -26.96 -32.67 -40.60
CA LYS C 154 -25.65 -33.23 -40.92
C LYS C 154 -25.14 -32.71 -42.25
N ASP C 155 -23.81 -32.63 -42.36
CA ASP C 155 -23.09 -32.37 -43.61
C ASP C 155 -23.54 -31.04 -44.24
N TYR C 156 -23.21 -29.96 -43.53
CA TYR C 156 -23.42 -28.62 -44.05
C TYR C 156 -22.15 -27.79 -43.84
N PHE C 157 -22.02 -26.74 -44.65
CA PHE C 157 -20.87 -25.87 -44.54
C PHE C 157 -21.23 -24.52 -45.16
N PRO C 158 -20.81 -23.41 -44.57
CA PRO C 158 -20.13 -23.26 -43.29
C PRO C 158 -21.09 -22.91 -42.17
N GLU C 159 -20.56 -22.50 -41.02
CA GLU C 159 -21.38 -22.06 -39.90
C GLU C 159 -22.05 -20.72 -40.23
N PRO C 160 -23.18 -20.41 -39.56
CA PRO C 160 -23.96 -21.23 -38.63
C PRO C 160 -25.33 -21.64 -39.16
N VAL C 161 -26.00 -22.54 -38.46
CA VAL C 161 -27.38 -22.90 -38.74
C VAL C 161 -28.26 -22.48 -37.57
N THR C 162 -29.57 -22.41 -37.81
CA THR C 162 -30.53 -22.05 -36.79
C THR C 162 -31.67 -23.07 -36.81
N VAL C 163 -32.10 -23.49 -35.61
CA VAL C 163 -33.11 -24.53 -35.47
C VAL C 163 -34.25 -24.00 -34.61
N SER C 164 -35.45 -24.48 -34.89
CA SER C 164 -36.64 -24.20 -34.09
C SER C 164 -37.55 -25.44 -34.16
N TRP C 165 -38.74 -25.33 -33.57
CA TRP C 165 -39.69 -26.42 -33.57
C TRP C 165 -41.11 -25.88 -33.68
N ASN C 166 -41.89 -26.45 -34.59
CA ASN C 166 -43.29 -26.07 -34.80
C ASN C 166 -43.44 -24.57 -35.03
N SER C 167 -42.59 -24.05 -35.92
CA SER C 167 -42.59 -22.63 -36.31
C SER C 167 -42.26 -21.69 -35.15
N GLY C 168 -41.62 -22.21 -34.10
CA GLY C 168 -41.27 -21.41 -32.94
C GLY C 168 -42.25 -21.51 -31.79
N ALA C 169 -43.32 -22.29 -31.91
CA ALA C 169 -44.27 -22.44 -30.82
C ALA C 169 -43.66 -23.18 -29.64
N LEU C 170 -42.94 -24.28 -29.92
CA LEU C 170 -42.34 -25.09 -28.86
C LEU C 170 -40.94 -24.56 -28.56
N THR C 171 -40.74 -24.09 -27.33
CA THR C 171 -39.47 -23.51 -26.89
C THR C 171 -38.92 -24.19 -25.64
N SER C 172 -39.78 -24.57 -24.70
CA SER C 172 -39.32 -25.17 -23.46
C SER C 172 -38.72 -26.54 -23.71
N GLY C 173 -37.62 -26.84 -23.01
CA GLY C 173 -37.01 -28.15 -23.09
C GLY C 173 -36.19 -28.41 -24.32
N VAL C 174 -35.98 -27.41 -25.18
CA VAL C 174 -35.20 -27.61 -26.40
C VAL C 174 -33.72 -27.48 -26.07
N HIS C 175 -32.91 -28.36 -26.67
CA HIS C 175 -31.46 -28.38 -26.47
C HIS C 175 -30.80 -28.51 -27.84
N THR C 176 -30.53 -27.37 -28.47
CA THR C 176 -29.79 -27.34 -29.73
C THR C 176 -28.30 -27.34 -29.40
N PHE C 177 -27.62 -28.41 -29.77
CA PHE C 177 -26.21 -28.56 -29.44
C PHE C 177 -25.33 -27.72 -30.35
N PRO C 178 -24.19 -27.23 -29.84
CA PRO C 178 -23.21 -26.60 -30.73
C PRO C 178 -22.70 -27.59 -31.76
N ALA C 179 -22.45 -27.09 -32.96
CA ALA C 179 -22.02 -27.95 -34.04
C ALA C 179 -20.61 -28.48 -33.78
N VAL C 180 -20.26 -29.54 -34.52
CA VAL C 180 -18.93 -30.12 -34.45
C VAL C 180 -18.37 -30.21 -35.86
N LEU C 181 -17.04 -30.20 -35.95
CA LEU C 181 -16.34 -30.27 -37.22
C LEU C 181 -15.97 -31.72 -37.49
N GLN C 182 -16.67 -32.36 -38.43
CA GLN C 182 -16.37 -33.73 -38.79
C GLN C 182 -15.04 -33.79 -39.53
N SER C 183 -14.42 -34.98 -39.51
CA SER C 183 -13.16 -35.17 -40.20
C SER C 183 -13.28 -34.96 -41.70
N SER C 184 -14.50 -34.99 -42.24
CA SER C 184 -14.73 -34.67 -43.64
C SER C 184 -14.66 -33.18 -43.94
N GLY C 185 -14.47 -32.35 -42.93
CA GLY C 185 -14.48 -30.91 -43.12
C GLY C 185 -15.86 -30.29 -43.15
N LEU C 186 -16.91 -31.06 -42.90
CA LEU C 186 -18.28 -30.56 -42.86
C LEU C 186 -18.76 -30.52 -41.42
N TYR C 187 -19.83 -29.75 -41.21
CA TYR C 187 -20.40 -29.55 -39.89
C TYR C 187 -21.65 -30.41 -39.69
N SER C 188 -21.97 -30.68 -38.43
CA SER C 188 -23.13 -31.48 -38.08
C SER C 188 -23.48 -31.22 -36.62
N LEU C 189 -24.78 -31.10 -36.35
CA LEU C 189 -25.27 -30.95 -34.98
C LEU C 189 -26.58 -31.72 -34.82
N SER C 190 -26.99 -31.90 -33.58
CA SER C 190 -28.27 -32.48 -33.24
C SER C 190 -29.12 -31.45 -32.50
N SER C 191 -30.44 -31.55 -32.67
CA SER C 191 -31.38 -30.63 -32.02
C SER C 191 -32.52 -31.45 -31.44
N VAL C 192 -32.52 -31.61 -30.12
CA VAL C 192 -33.46 -32.48 -29.44
C VAL C 192 -34.51 -31.63 -28.72
N VAL C 193 -35.59 -32.28 -28.29
CA VAL C 193 -36.61 -31.65 -27.46
C VAL C 193 -37.34 -32.76 -26.71
N THR C 194 -37.71 -32.48 -25.46
CA THR C 194 -38.34 -33.45 -24.58
C THR C 194 -39.82 -33.11 -24.43
N VAL C 195 -40.67 -34.13 -24.56
CA VAL C 195 -42.12 -33.97 -24.48
C VAL C 195 -42.72 -35.18 -23.76
N PRO C 196 -43.90 -35.03 -23.18
CA PRO C 196 -44.58 -36.18 -22.56
C PRO C 196 -44.84 -37.29 -23.59
N SER C 197 -44.66 -38.54 -23.14
CA SER C 197 -44.79 -39.68 -24.04
C SER C 197 -46.25 -40.03 -24.35
N SER C 198 -47.19 -39.57 -23.53
CA SER C 198 -48.60 -39.76 -23.82
C SER C 198 -49.10 -38.83 -24.91
N SER C 199 -48.34 -37.80 -25.26
CA SER C 199 -48.68 -36.89 -26.35
C SER C 199 -48.17 -37.39 -27.70
N LEU C 200 -47.50 -38.54 -27.74
CA LEU C 200 -47.05 -39.14 -29.00
C LEU C 200 -48.21 -39.89 -29.61
N GLY C 201 -48.70 -39.41 -30.76
CA GLY C 201 -49.84 -39.99 -31.41
C GLY C 201 -50.96 -38.98 -31.62
N THR C 202 -51.16 -38.12 -30.63
CA THR C 202 -52.14 -37.04 -30.71
C THR C 202 -51.50 -35.69 -30.95
N GLN C 203 -50.18 -35.63 -31.07
CA GLN C 203 -49.46 -34.39 -31.34
C GLN C 203 -48.24 -34.71 -32.19
N THR C 204 -48.01 -33.89 -33.22
CA THR C 204 -46.89 -34.06 -34.12
C THR C 204 -45.89 -32.91 -33.94
N TYR C 205 -44.61 -33.21 -34.15
CA TYR C 205 -43.54 -32.26 -33.93
C TYR C 205 -42.70 -32.12 -35.20
N ILE C 206 -42.51 -30.88 -35.64
CA ILE C 206 -41.79 -30.58 -36.87
C ILE C 206 -40.73 -29.53 -36.57
N CYS C 207 -39.47 -29.85 -36.82
CA CYS C 207 -38.39 -28.89 -36.68
C CYS C 207 -38.25 -28.06 -37.95
N ASN C 208 -37.61 -26.89 -37.82
CA ASN C 208 -37.46 -25.93 -38.91
C ASN C 208 -36.00 -25.50 -38.98
N VAL C 209 -35.22 -26.20 -39.80
CA VAL C 209 -33.81 -25.89 -40.01
C VAL C 209 -33.69 -24.82 -41.10
N ASN C 210 -32.83 -23.85 -40.87
CA ASN C 210 -32.68 -22.70 -41.79
C ASN C 210 -31.20 -22.38 -41.92
N HIS C 211 -30.57 -22.90 -42.97
CA HIS C 211 -29.17 -22.60 -43.27
C HIS C 211 -29.12 -21.38 -44.19
N LYS C 212 -28.45 -20.33 -43.73
CA LYS C 212 -28.45 -19.05 -44.43
C LYS C 212 -27.54 -19.06 -45.66
N PRO C 213 -26.26 -19.42 -45.55
CA PRO C 213 -25.38 -19.32 -46.73
C PRO C 213 -25.83 -20.18 -47.91
N SER C 214 -26.42 -21.35 -47.66
CA SER C 214 -26.85 -22.24 -48.72
C SER C 214 -28.27 -21.96 -49.18
N ASN C 215 -28.96 -21.00 -48.56
CA ASN C 215 -30.35 -20.67 -48.88
C ASN C 215 -31.24 -21.90 -48.79
N THR C 216 -31.03 -22.70 -47.74
CA THR C 216 -31.78 -23.92 -47.51
C THR C 216 -32.86 -23.68 -46.46
N LYS C 217 -34.02 -24.31 -46.65
CA LYS C 217 -35.13 -24.14 -45.72
C LYS C 217 -36.01 -25.39 -45.85
N VAL C 218 -35.85 -26.32 -44.91
CA VAL C 218 -36.53 -27.61 -44.95
C VAL C 218 -37.15 -27.90 -43.60
N ASP C 219 -38.38 -28.42 -43.60
CA ASP C 219 -39.09 -28.85 -42.42
C ASP C 219 -39.28 -30.36 -42.46
N LYS C 220 -39.02 -31.03 -41.33
CA LYS C 220 -39.15 -32.48 -41.24
C LYS C 220 -40.00 -32.87 -40.04
N LYS C 221 -40.77 -33.95 -40.22
CA LYS C 221 -41.68 -34.46 -39.21
C LYS C 221 -41.05 -35.67 -38.54
N VAL C 222 -40.95 -35.62 -37.20
CA VAL C 222 -40.36 -36.70 -36.41
C VAL C 222 -41.51 -37.47 -35.77
N GLU C 223 -41.93 -38.54 -36.42
CA GLU C 223 -42.98 -39.44 -35.96
C GLU C 223 -42.40 -40.67 -35.30
N PRO C 224 -43.20 -41.39 -34.51
CA PRO C 224 -42.73 -42.66 -33.94
C PRO C 224 -42.47 -43.69 -35.04
N LYS C 225 -41.94 -44.83 -34.62
CA LYS C 225 -41.58 -45.90 -35.54
C LYS C 225 -42.82 -46.71 -35.94
N SER C 226 -42.57 -47.75 -36.74
CA SER C 226 -43.54 -48.79 -37.01
C SER C 226 -42.81 -50.12 -36.98
N CYS C 227 -43.44 -51.13 -36.39
CA CYS C 227 -42.84 -52.45 -36.16
C CYS C 227 -41.65 -52.37 -35.20
N GLU D 1 8.74 -14.48 -24.74
CA GLU D 1 7.45 -14.02 -24.27
C GLU D 1 7.30 -14.22 -22.78
N ILE D 2 6.23 -13.68 -22.21
CA ILE D 2 5.89 -13.85 -20.80
C ILE D 2 4.59 -14.63 -20.73
N VAL D 3 4.64 -15.80 -20.11
CA VAL D 3 3.51 -16.74 -20.13
C VAL D 3 2.62 -16.49 -18.92
N MET D 4 1.31 -16.46 -19.16
CA MET D 4 0.32 -16.25 -18.13
C MET D 4 -0.37 -17.57 -17.80
N THR D 5 -0.40 -17.92 -16.52
CA THR D 5 -0.98 -19.17 -16.04
C THR D 5 -2.21 -18.87 -15.20
N GLN D 6 -3.35 -19.43 -15.60
CA GLN D 6 -4.62 -19.27 -14.88
C GLN D 6 -5.10 -20.65 -14.43
N SER D 7 -4.69 -21.06 -13.23
CA SER D 7 -5.18 -22.32 -12.71
C SER D 7 -6.06 -22.10 -11.49
N PRO D 8 -7.17 -22.84 -11.34
CA PRO D 8 -7.72 -23.84 -12.26
C PRO D 8 -8.51 -23.23 -13.42
N ALA D 9 -8.85 -24.04 -14.43
CA ALA D 9 -9.59 -23.54 -15.57
C ALA D 9 -11.09 -23.40 -15.27
N THR D 10 -11.63 -24.19 -14.35
CA THR D 10 -13.05 -24.15 -14.03
C THR D 10 -13.24 -24.04 -12.53
N LEU D 11 -14.12 -23.14 -12.10
CA LEU D 11 -14.52 -23.01 -10.71
C LEU D 11 -16.02 -23.08 -10.62
N SER D 12 -16.53 -24.01 -9.82
CA SER D 12 -17.96 -24.17 -9.60
C SER D 12 -18.29 -23.58 -8.23
N VAL D 13 -19.16 -22.56 -8.23
CA VAL D 13 -19.64 -21.95 -6.99
C VAL D 13 -21.13 -21.70 -7.13
N SER D 14 -21.79 -21.50 -5.99
CA SER D 14 -23.21 -21.18 -5.98
C SER D 14 -23.40 -19.76 -6.46
N PRO D 15 -24.66 -19.32 -6.63
CA PRO D 15 -24.89 -17.90 -6.92
C PRO D 15 -25.00 -17.06 -5.66
N GLY D 16 -24.16 -16.04 -5.51
CA GLY D 16 -24.30 -15.09 -4.42
C GLY D 16 -23.16 -15.04 -3.43
N GLU D 17 -22.05 -15.69 -3.72
CA GLU D 17 -20.95 -15.83 -2.78
C GLU D 17 -19.67 -15.24 -3.37
N GLY D 18 -18.56 -15.45 -2.68
CA GLY D 18 -17.28 -14.89 -3.08
C GLY D 18 -16.46 -15.89 -3.88
N VAL D 19 -15.97 -15.43 -5.03
CA VAL D 19 -15.04 -16.21 -5.85
C VAL D 19 -13.73 -15.46 -5.92
N THR D 20 -12.64 -16.21 -6.10
CA THR D 20 -11.33 -15.62 -6.32
C THR D 20 -10.65 -16.36 -7.46
N LEU D 21 -10.27 -15.62 -8.50
CA LEU D 21 -9.58 -16.17 -9.66
C LEU D 21 -8.11 -15.85 -9.55
N SER D 22 -7.27 -16.73 -10.10
CA SER D 22 -5.83 -16.61 -9.96
C SER D 22 -5.17 -16.47 -11.34
N CYS D 23 -4.01 -15.81 -11.34
CA CYS D 23 -3.22 -15.57 -12.54
C CYS D 23 -1.79 -15.32 -12.09
N ARG D 24 -0.84 -16.08 -12.63
CA ARG D 24 0.56 -15.89 -12.28
C ARG D 24 1.39 -15.67 -13.53
N ALA D 25 2.56 -15.06 -13.34
CA ALA D 25 3.40 -14.58 -14.43
C ALA D 25 4.74 -15.28 -14.40
N SER D 26 5.20 -15.74 -15.57
CA SER D 26 6.49 -16.42 -15.66
C SER D 26 7.63 -15.54 -15.15
N GLN D 27 7.49 -14.23 -15.28
CA GLN D 27 8.37 -13.28 -14.61
C GLN D 27 7.54 -12.06 -14.24
N SER D 28 8.13 -11.18 -13.43
CA SER D 28 7.39 -10.03 -12.92
C SER D 28 6.86 -9.16 -14.07
N VAL D 29 5.58 -8.79 -13.95
CA VAL D 29 4.96 -7.84 -14.87
C VAL D 29 4.60 -6.55 -14.14
N SER D 30 5.11 -6.35 -12.93
CA SER D 30 4.88 -5.16 -12.11
C SER D 30 3.38 -5.03 -11.88
N SER D 31 2.74 -3.90 -12.23
CA SER D 31 1.30 -3.76 -12.09
C SER D 31 0.60 -3.69 -13.44
N ASN D 32 1.32 -3.91 -14.54
CA ASN D 32 0.72 -3.83 -15.86
C ASN D 32 -0.05 -5.11 -16.18
N LEU D 33 -1.10 -5.35 -15.40
CA LEU D 33 -1.97 -6.51 -15.57
C LEU D 33 -3.42 -6.06 -15.68
N ALA D 34 -4.18 -6.74 -16.52
CA ALA D 34 -5.58 -6.44 -16.73
C ALA D 34 -6.41 -7.72 -16.64
N TRP D 35 -7.70 -7.55 -16.34
CA TRP D 35 -8.66 -8.65 -16.25
C TRP D 35 -9.81 -8.39 -17.20
N TYR D 36 -10.29 -9.45 -17.85
CA TYR D 36 -11.37 -9.34 -18.81
C TYR D 36 -12.43 -10.39 -18.53
N GLN D 37 -13.66 -10.08 -18.95
CA GLN D 37 -14.79 -10.98 -18.79
C GLN D 37 -15.44 -11.21 -20.14
N GLN D 38 -15.60 -12.47 -20.52
CA GLN D 38 -16.24 -12.82 -21.78
C GLN D 38 -17.38 -13.80 -21.53
N LYS D 39 -18.54 -13.50 -22.12
CA LYS D 39 -19.74 -14.31 -22.17
C LYS D 39 -19.90 -14.92 -23.56
N PRO D 40 -20.46 -16.13 -23.65
CA PRO D 40 -20.54 -16.79 -24.95
C PRO D 40 -21.27 -15.94 -25.97
N GLY D 41 -20.66 -15.81 -27.15
CA GLY D 41 -21.22 -15.00 -28.22
C GLY D 41 -20.95 -13.52 -28.10
N GLN D 42 -20.13 -13.09 -27.15
CA GLN D 42 -19.90 -11.68 -26.90
C GLN D 42 -18.42 -11.39 -26.77
N ALA D 43 -18.04 -10.16 -27.12
CA ALA D 43 -16.66 -9.73 -27.04
C ALA D 43 -16.19 -9.66 -25.60
N PRO D 44 -14.87 -9.78 -25.38
CA PRO D 44 -14.34 -9.57 -24.03
C PRO D 44 -14.59 -8.14 -23.56
N ARG D 45 -14.72 -7.99 -22.24
CA ARG D 45 -15.00 -6.71 -21.60
C ARG D 45 -13.94 -6.48 -20.52
N LEU D 46 -13.37 -5.28 -20.48
CA LEU D 46 -12.34 -4.96 -19.50
C LEU D 46 -12.96 -4.71 -18.12
N LEU D 47 -12.38 -5.31 -17.09
CA LEU D 47 -12.81 -5.11 -15.71
C LEU D 47 -11.76 -4.39 -14.88
N ILE D 48 -10.54 -4.90 -14.83
CA ILE D 48 -9.47 -4.35 -14.01
C ILE D 48 -8.28 -4.03 -14.90
N TYR D 49 -7.60 -2.93 -14.62
CA TYR D 49 -6.33 -2.61 -15.24
C TYR D 49 -5.43 -1.99 -14.19
N GLY D 50 -4.12 -1.98 -14.46
CA GLY D 50 -3.19 -1.59 -13.42
C GLY D 50 -3.22 -2.52 -12.23
N ALA D 51 -3.79 -3.71 -12.40
CA ALA D 51 -3.86 -4.81 -11.44
C ALA D 51 -4.80 -4.53 -10.27
N SER D 52 -5.19 -3.26 -10.10
CA SER D 52 -6.15 -2.92 -9.06
C SER D 52 -7.19 -1.90 -9.49
N THR D 53 -6.93 -1.07 -10.49
CA THR D 53 -7.87 -0.04 -10.88
C THR D 53 -9.05 -0.64 -11.62
N ARG D 54 -10.26 -0.23 -11.25
CA ARG D 54 -11.47 -0.74 -11.86
C ARG D 54 -11.88 0.16 -13.03
N ALA D 55 -12.40 -0.46 -14.09
CA ALA D 55 -12.75 0.30 -15.28
C ALA D 55 -14.09 0.99 -15.09
N THR D 56 -14.33 2.00 -15.92
CA THR D 56 -15.57 2.76 -15.86
C THR D 56 -16.76 1.84 -16.06
N GLY D 57 -17.76 1.97 -15.17
CA GLY D 57 -18.95 1.16 -15.23
C GLY D 57 -18.85 -0.19 -14.56
N ILE D 58 -17.68 -0.59 -14.10
CA ILE D 58 -17.54 -1.93 -13.51
C ILE D 58 -18.06 -1.88 -12.07
N PRO D 59 -18.98 -2.76 -11.69
CA PRO D 59 -19.51 -2.76 -10.32
C PRO D 59 -18.40 -2.91 -9.29
N ALA D 60 -18.69 -2.43 -8.08
CA ALA D 60 -17.70 -2.43 -7.01
C ALA D 60 -17.45 -3.81 -6.42
N ARG D 61 -18.27 -4.82 -6.77
CA ARG D 61 -17.99 -6.17 -6.30
C ARG D 61 -16.79 -6.81 -6.99
N PHE D 62 -16.34 -6.24 -8.11
CA PHE D 62 -15.12 -6.69 -8.77
C PHE D 62 -13.92 -5.94 -8.20
N SER D 63 -12.89 -6.67 -7.81
CA SER D 63 -11.65 -6.05 -7.37
C SER D 63 -10.49 -6.97 -7.70
N GLY D 64 -9.31 -6.38 -7.80
CA GLY D 64 -8.11 -7.13 -8.05
C GLY D 64 -6.94 -6.52 -7.31
N SER D 65 -5.96 -7.38 -7.02
CA SER D 65 -4.73 -6.93 -6.37
C SER D 65 -3.61 -7.87 -6.77
N GLY D 66 -2.38 -7.39 -6.64
CA GLY D 66 -1.21 -8.18 -6.92
C GLY D 66 -0.10 -7.34 -7.49
N SER D 67 1.11 -7.89 -7.46
CA SER D 67 2.28 -7.24 -8.03
C SER D 67 3.31 -8.31 -8.34
N GLY D 68 4.23 -7.98 -9.24
CA GLY D 68 5.27 -8.91 -9.60
C GLY D 68 4.74 -10.09 -10.41
N THR D 69 4.65 -11.26 -9.76
CA THR D 69 4.29 -12.48 -10.46
C THR D 69 2.92 -13.02 -10.11
N GLU D 70 2.34 -12.67 -8.96
CA GLU D 70 1.10 -13.25 -8.49
C GLU D 70 0.00 -12.20 -8.43
N PHE D 71 -1.19 -12.56 -8.95
CA PHE D 71 -2.33 -11.66 -9.03
C PHE D 71 -3.62 -12.43 -8.76
N THR D 72 -4.63 -11.71 -8.30
CA THR D 72 -5.94 -12.30 -8.01
C THR D 72 -7.04 -11.36 -8.51
N LEU D 73 -8.17 -11.95 -8.88
CA LEU D 73 -9.40 -11.23 -9.20
C LEU D 73 -10.52 -11.77 -8.33
N THR D 74 -11.07 -10.91 -7.47
CA THR D 74 -12.05 -11.32 -6.48
C THR D 74 -13.40 -10.70 -6.80
N ILE D 75 -14.44 -11.51 -6.78
CA ILE D 75 -15.83 -11.05 -6.87
C ILE D 75 -16.50 -11.37 -5.54
N SER D 76 -16.93 -10.32 -4.83
CA SER D 76 -17.39 -10.49 -3.46
C SER D 76 -18.74 -11.22 -3.39
N SER D 77 -19.70 -10.81 -4.21
CA SER D 77 -21.04 -11.39 -4.21
C SER D 77 -21.42 -11.72 -5.65
N LEU D 78 -21.38 -13.01 -5.98
CA LEU D 78 -21.49 -13.44 -7.38
C LEU D 78 -22.95 -13.39 -7.81
N GLN D 79 -23.27 -12.48 -8.74
CA GLN D 79 -24.61 -12.41 -9.30
C GLN D 79 -24.70 -13.34 -10.52
N SER D 80 -25.91 -13.43 -11.10
CA SER D 80 -26.12 -14.37 -12.20
C SER D 80 -25.46 -13.89 -13.49
N GLU D 81 -25.32 -12.58 -13.67
CA GLU D 81 -24.66 -12.04 -14.85
C GLU D 81 -23.14 -12.10 -14.76
N ASP D 82 -22.60 -12.74 -13.73
CA ASP D 82 -21.16 -12.85 -13.53
C ASP D 82 -20.62 -14.24 -13.85
N PHE D 83 -21.46 -15.16 -14.31
CA PHE D 83 -21.01 -16.49 -14.70
C PHE D 83 -20.55 -16.43 -16.15
N ALA D 84 -19.23 -16.49 -16.35
CA ALA D 84 -18.62 -16.28 -17.65
C ALA D 84 -17.15 -16.69 -17.55
N VAL D 85 -16.41 -16.50 -18.65
CA VAL D 85 -14.99 -16.80 -18.69
C VAL D 85 -14.22 -15.51 -18.39
N TYR D 86 -13.12 -15.65 -17.65
CA TYR D 86 -12.31 -14.51 -17.24
C TYR D 86 -10.85 -14.76 -17.61
N TYR D 87 -10.27 -13.84 -18.35
CA TYR D 87 -8.87 -13.91 -18.76
C TYR D 87 -8.08 -12.79 -18.09
N CYS D 88 -6.84 -13.08 -17.70
CA CYS D 88 -5.91 -12.02 -17.34
C CYS D 88 -5.06 -11.66 -18.58
N GLN D 89 -4.15 -10.71 -18.39
CA GLN D 89 -3.34 -10.19 -19.48
C GLN D 89 -2.24 -9.33 -18.89
N GLN D 90 -1.04 -9.46 -19.44
CA GLN D 90 0.08 -8.60 -19.05
C GLN D 90 0.42 -7.68 -20.22
N TYR D 91 0.80 -6.45 -19.90
CA TYR D 91 1.31 -5.49 -20.87
C TYR D 91 2.53 -4.78 -20.30
N TYR D 92 3.35 -5.53 -19.58
CA TYR D 92 4.63 -5.04 -19.09
C TYR D 92 5.75 -5.25 -20.09
N ASN D 93 5.79 -6.43 -20.71
CA ASN D 93 6.76 -6.75 -21.75
C ASN D 93 6.00 -7.28 -22.95
N TRP D 94 5.89 -6.47 -23.99
CA TRP D 94 5.21 -6.88 -25.21
C TRP D 94 5.68 -5.97 -26.33
N PRO D 95 5.66 -6.45 -27.59
CA PRO D 95 5.13 -7.74 -28.07
C PRO D 95 6.02 -8.94 -27.73
N PRO D 96 5.42 -10.15 -27.69
CA PRO D 96 4.00 -10.45 -27.91
C PRO D 96 3.14 -10.13 -26.70
N LEU D 97 1.92 -9.67 -26.94
CA LEU D 97 0.95 -9.41 -25.88
C LEU D 97 0.29 -10.73 -25.50
N THR D 98 0.48 -11.18 -24.27
CA THR D 98 0.05 -12.51 -23.84
C THR D 98 -1.12 -12.42 -22.88
N PHE D 99 -2.10 -13.30 -23.07
CA PHE D 99 -3.32 -13.28 -22.26
C PHE D 99 -3.29 -14.25 -21.09
N GLY D 100 -3.25 -15.55 -21.36
CA GLY D 100 -3.53 -16.50 -20.30
C GLY D 100 -4.74 -17.35 -20.63
N GLY D 101 -4.81 -18.55 -20.03
CA GLY D 101 -5.76 -19.54 -20.50
C GLY D 101 -7.21 -19.15 -20.28
N GLY D 102 -7.49 -18.46 -19.18
CA GLY D 102 -8.86 -18.15 -18.86
C GLY D 102 -9.44 -19.11 -17.84
N THR D 103 -10.38 -18.61 -17.04
CA THR D 103 -11.02 -19.38 -15.99
C THR D 103 -12.52 -19.29 -16.17
N LYS D 104 -13.17 -20.44 -16.26
CA LYS D 104 -14.62 -20.51 -16.35
C LYS D 104 -15.21 -20.59 -14.95
N VAL D 105 -16.10 -19.66 -14.63
CA VAL D 105 -16.84 -19.68 -13.36
C VAL D 105 -18.23 -20.22 -13.65
N GLU D 106 -18.58 -21.31 -12.98
CA GLU D 106 -19.77 -22.09 -13.29
C GLU D 106 -20.72 -22.12 -12.10
N ILE D 107 -22.01 -22.17 -12.39
CA ILE D 107 -23.04 -22.26 -11.35
C ILE D 107 -22.99 -23.65 -10.72
N LYS D 108 -22.85 -23.71 -9.41
CA LYS D 108 -22.89 -24.97 -8.68
C LYS D 108 -24.32 -25.22 -8.20
N ARG D 109 -24.82 -26.44 -8.46
CA ARG D 109 -26.14 -26.84 -8.00
C ARG D 109 -26.07 -28.29 -7.55
N THR D 110 -27.24 -28.89 -7.35
CA THR D 110 -27.33 -30.27 -6.89
C THR D 110 -26.90 -31.23 -8.00
N VAL D 111 -26.34 -32.36 -7.60
CA VAL D 111 -25.94 -33.40 -8.54
C VAL D 111 -27.19 -33.98 -9.20
N ALA D 112 -27.25 -33.88 -10.52
CA ALA D 112 -28.40 -34.32 -11.30
C ALA D 112 -27.99 -35.46 -12.23
N ALA D 113 -28.73 -36.57 -12.17
CA ALA D 113 -28.45 -37.72 -13.00
C ALA D 113 -28.96 -37.50 -14.43
N PRO D 114 -28.31 -38.10 -15.42
CA PRO D 114 -28.78 -37.97 -16.80
C PRO D 114 -29.84 -39.00 -17.14
N SER D 115 -30.71 -38.61 -18.06
CA SER D 115 -31.73 -39.49 -18.62
C SER D 115 -31.31 -39.83 -20.05
N VAL D 116 -30.91 -41.08 -20.26
CA VAL D 116 -30.25 -41.49 -21.49
C VAL D 116 -31.30 -41.88 -22.52
N PHE D 117 -31.22 -41.26 -23.70
CA PHE D 117 -32.17 -41.47 -24.79
C PHE D 117 -31.38 -41.83 -26.05
N ILE D 118 -31.54 -43.07 -26.53
CA ILE D 118 -30.80 -43.54 -27.71
C ILE D 118 -31.76 -43.55 -28.90
N PHE D 119 -31.24 -43.20 -30.06
CA PHE D 119 -32.04 -43.03 -31.27
C PHE D 119 -31.51 -43.88 -32.39
N PRO D 120 -32.37 -44.29 -33.33
CA PRO D 120 -31.94 -45.20 -34.39
C PRO D 120 -31.48 -44.44 -35.62
N PRO D 121 -30.63 -45.03 -36.44
CA PRO D 121 -30.35 -44.48 -37.78
C PRO D 121 -31.61 -44.49 -38.63
N SER D 122 -32.10 -43.31 -38.98
CA SER D 122 -33.40 -43.15 -39.63
C SER D 122 -33.40 -43.74 -41.04
N ASP D 123 -34.57 -44.24 -41.45
CA ASP D 123 -34.69 -44.95 -42.72
C ASP D 123 -34.33 -44.07 -43.91
N GLU D 124 -34.71 -42.78 -43.88
CA GLU D 124 -34.39 -41.91 -45.00
C GLU D 124 -32.92 -41.51 -45.02
N GLN D 125 -32.23 -41.57 -43.88
CA GLN D 125 -30.77 -41.50 -43.92
C GLN D 125 -30.17 -42.77 -44.52
N LEU D 126 -30.90 -43.88 -44.45
CA LEU D 126 -30.46 -45.14 -45.06
C LEU D 126 -30.70 -45.17 -46.58
N LYS D 127 -30.97 -44.01 -47.19
CA LYS D 127 -31.12 -43.90 -48.64
C LYS D 127 -30.02 -43.06 -49.27
N SER D 128 -29.01 -42.65 -48.50
CA SER D 128 -27.93 -41.81 -49.00
C SER D 128 -26.55 -42.43 -48.86
N GLY D 129 -26.39 -43.50 -48.08
CA GLY D 129 -25.13 -44.20 -47.95
C GLY D 129 -24.50 -44.13 -46.57
N THR D 130 -25.04 -43.35 -45.64
CA THR D 130 -24.49 -43.22 -44.30
C THR D 130 -25.62 -43.29 -43.28
N ALA D 131 -25.24 -43.43 -42.01
CA ALA D 131 -26.20 -43.51 -40.93
C ALA D 131 -25.54 -43.09 -39.63
N SER D 132 -26.28 -42.38 -38.79
CA SER D 132 -25.74 -41.88 -37.53
C SER D 132 -26.67 -42.22 -36.37
N VAL D 133 -26.08 -42.63 -35.26
CA VAL D 133 -26.79 -43.01 -34.04
C VAL D 133 -26.56 -41.91 -33.01
N VAL D 134 -27.63 -41.45 -32.37
CA VAL D 134 -27.59 -40.34 -31.43
C VAL D 134 -27.80 -40.86 -30.01
N CYS D 135 -26.86 -40.55 -29.12
CA CYS D 135 -26.95 -40.88 -27.69
C CYS D 135 -27.12 -39.56 -26.93
N LEU D 136 -28.35 -39.27 -26.52
CA LEU D 136 -28.69 -38.00 -25.90
C LEU D 136 -28.67 -38.14 -24.38
N LEU D 137 -27.99 -37.20 -23.71
CA LEU D 137 -27.98 -37.10 -22.26
C LEU D 137 -28.66 -35.79 -21.87
N ASN D 138 -29.53 -35.86 -20.86
CA ASN D 138 -30.49 -34.79 -20.60
C ASN D 138 -30.36 -34.32 -19.15
N ASN D 139 -30.00 -33.04 -18.97
CA ASN D 139 -30.12 -32.33 -17.70
C ASN D 139 -29.34 -33.02 -16.57
N PHE D 140 -28.01 -33.01 -16.72
CA PHE D 140 -27.13 -33.61 -15.73
C PHE D 140 -26.11 -32.60 -15.21
N TYR D 141 -25.83 -32.70 -13.91
CA TYR D 141 -24.75 -32.02 -13.20
C TYR D 141 -23.96 -33.07 -12.42
N PRO D 142 -22.62 -33.00 -12.40
CA PRO D 142 -21.73 -32.04 -13.07
C PRO D 142 -21.49 -32.32 -14.55
N ARG D 143 -20.53 -31.62 -15.15
CA ARG D 143 -20.19 -31.84 -16.54
C ARG D 143 -19.45 -33.16 -16.71
N GLU D 144 -18.62 -33.53 -15.75
CA GLU D 144 -17.74 -34.69 -15.88
C GLU D 144 -18.54 -35.96 -16.07
N ALA D 145 -18.51 -36.50 -17.29
CA ALA D 145 -19.27 -37.69 -17.64
C ALA D 145 -18.56 -38.43 -18.76
N LYS D 146 -18.84 -39.72 -18.87
CA LYS D 146 -18.18 -40.60 -19.84
C LYS D 146 -19.23 -41.33 -20.66
N VAL D 147 -19.08 -41.29 -21.99
CA VAL D 147 -20.04 -41.89 -22.90
C VAL D 147 -19.29 -42.77 -23.89
N GLN D 148 -19.73 -44.01 -24.03
CA GLN D 148 -19.16 -44.95 -24.99
C GLN D 148 -20.29 -45.67 -25.72
N TRP D 149 -19.94 -46.22 -26.88
CA TRP D 149 -20.88 -46.94 -27.73
C TRP D 149 -20.56 -48.42 -27.68
N LYS D 150 -21.54 -49.21 -27.27
CA LYS D 150 -21.44 -50.68 -27.23
C LYS D 150 -22.33 -51.21 -28.35
N VAL D 151 -21.74 -51.48 -29.51
CA VAL D 151 -22.62 -51.95 -30.56
C VAL D 151 -22.94 -53.43 -30.33
N ASP D 152 -22.11 -54.37 -30.80
CA ASP D 152 -22.27 -55.74 -30.35
C ASP D 152 -21.48 -55.96 -29.06
N ASN D 153 -20.16 -55.80 -29.12
CA ASN D 153 -19.39 -55.46 -27.92
C ASN D 153 -18.16 -54.60 -28.21
N ALA D 154 -18.27 -53.59 -29.05
CA ALA D 154 -17.08 -52.86 -29.49
C ALA D 154 -16.68 -51.76 -28.51
N LEU D 155 -15.37 -51.62 -28.31
CA LEU D 155 -14.84 -50.54 -27.47
C LEU D 155 -14.90 -49.19 -28.17
N GLN D 156 -14.64 -49.17 -29.48
CA GLN D 156 -14.81 -47.99 -30.33
C GLN D 156 -13.96 -46.81 -29.85
N SER D 157 -12.63 -47.02 -29.93
CA SER D 157 -11.72 -45.91 -29.62
C SER D 157 -11.73 -44.81 -30.71
N GLY D 158 -12.59 -44.93 -31.71
CA GLY D 158 -12.78 -43.89 -32.71
C GLY D 158 -14.24 -43.50 -32.80
N ASN D 159 -14.53 -42.61 -33.75
CA ASN D 159 -15.88 -42.19 -34.05
C ASN D 159 -16.49 -41.42 -32.86
N SER D 160 -17.80 -41.18 -32.90
CA SER D 160 -18.57 -40.67 -31.76
C SER D 160 -18.07 -39.30 -31.29
N GLN D 161 -18.29 -38.31 -32.15
CA GLN D 161 -18.07 -36.92 -31.75
C GLN D 161 -19.17 -36.47 -30.77
N GLU D 162 -18.74 -35.94 -29.62
CA GLU D 162 -19.65 -35.48 -28.59
C GLU D 162 -19.72 -33.95 -28.58
N SER D 163 -20.79 -33.43 -27.97
CA SER D 163 -21.04 -32.00 -27.94
C SER D 163 -21.84 -31.65 -26.69
N VAL D 164 -21.50 -30.52 -26.07
CA VAL D 164 -22.10 -30.10 -24.80
C VAL D 164 -22.74 -28.74 -24.97
N THR D 165 -23.97 -28.60 -24.50
CA THR D 165 -24.63 -27.30 -24.46
C THR D 165 -24.17 -26.51 -23.24
N GLU D 166 -24.47 -25.21 -23.25
CA GLU D 166 -24.17 -24.37 -22.10
C GLU D 166 -25.14 -24.65 -20.97
N GLN D 167 -24.74 -24.25 -19.76
CA GLN D 167 -25.61 -24.41 -18.60
C GLN D 167 -26.94 -23.72 -18.85
N ASP D 168 -28.03 -24.43 -18.57
CA ASP D 168 -29.36 -23.88 -18.80
C ASP D 168 -29.65 -22.77 -17.81
N SER D 169 -30.39 -21.75 -18.27
CA SER D 169 -30.68 -20.61 -17.42
C SER D 169 -31.57 -20.98 -16.24
N LYS D 170 -32.46 -21.97 -16.42
CA LYS D 170 -33.37 -22.34 -15.34
C LYS D 170 -32.68 -23.20 -14.30
N ASP D 171 -32.25 -24.39 -14.70
CA ASP D 171 -31.80 -25.42 -13.77
C ASP D 171 -30.28 -25.58 -13.70
N SER D 172 -29.53 -24.84 -14.52
CA SER D 172 -28.06 -24.91 -14.50
C SER D 172 -27.56 -26.32 -14.74
N THR D 173 -28.19 -27.03 -15.67
CA THR D 173 -27.81 -28.39 -16.01
C THR D 173 -27.24 -28.46 -17.42
N TYR D 174 -26.64 -29.59 -17.73
CA TYR D 174 -25.92 -29.81 -18.98
C TYR D 174 -26.65 -30.80 -19.87
N SER D 175 -26.17 -30.91 -21.11
CA SER D 175 -26.66 -31.90 -22.05
C SER D 175 -25.52 -32.27 -22.99
N LEU D 176 -25.39 -33.57 -23.26
CA LEU D 176 -24.33 -34.11 -24.08
C LEU D 176 -24.95 -34.95 -25.19
N SER D 177 -24.22 -35.08 -26.30
CA SER D 177 -24.69 -35.88 -27.43
C SER D 177 -23.50 -36.46 -28.17
N SER D 178 -23.27 -37.76 -28.01
CA SER D 178 -22.34 -38.50 -28.85
C SER D 178 -23.07 -39.00 -30.09
N THR D 179 -22.48 -38.78 -31.26
CA THR D 179 -23.10 -39.13 -32.53
C THR D 179 -22.24 -40.17 -33.23
N LEU D 180 -22.82 -41.34 -33.47
CA LEU D 180 -22.09 -42.49 -34.00
C LEU D 180 -22.25 -42.52 -35.52
N THR D 181 -21.24 -42.05 -36.24
CA THR D 181 -21.28 -41.96 -37.70
C THR D 181 -20.65 -43.20 -38.31
N LEU D 182 -21.44 -43.97 -39.06
CA LEU D 182 -20.94 -45.16 -39.73
C LEU D 182 -21.65 -45.31 -41.08
N SER D 183 -20.98 -45.99 -42.00
CA SER D 183 -21.48 -46.15 -43.36
C SER D 183 -22.48 -47.31 -43.44
N LYS D 184 -23.21 -47.35 -44.55
CA LYS D 184 -24.18 -48.42 -44.79
C LYS D 184 -23.51 -49.79 -44.76
N ALA D 185 -22.40 -49.92 -45.49
CA ALA D 185 -21.73 -51.21 -45.61
C ALA D 185 -21.22 -51.73 -44.26
N ASP D 186 -21.09 -50.86 -43.26
CA ASP D 186 -20.67 -51.29 -41.94
C ASP D 186 -21.72 -51.05 -40.85
N TYR D 187 -22.88 -50.51 -41.20
CA TYR D 187 -23.97 -50.34 -40.23
C TYR D 187 -24.86 -51.58 -40.18
N GLU D 188 -25.42 -51.98 -41.32
CA GLU D 188 -26.28 -53.15 -41.37
C GLU D 188 -25.54 -54.43 -41.03
N LYS D 189 -24.21 -54.41 -41.03
CA LYS D 189 -23.39 -55.54 -40.60
C LYS D 189 -23.20 -55.59 -39.07
N LYS D 190 -24.30 -55.33 -38.34
CA LYS D 190 -24.49 -55.57 -36.91
C LYS D 190 -25.88 -55.04 -36.57
N LYS D 191 -26.56 -55.59 -35.56
CA LYS D 191 -27.91 -55.09 -35.28
C LYS D 191 -28.29 -55.04 -33.79
N VAL D 192 -27.33 -55.02 -32.87
CA VAL D 192 -27.62 -54.86 -31.46
C VAL D 192 -26.89 -53.60 -31.03
N TYR D 193 -27.62 -52.52 -30.75
CA TYR D 193 -27.00 -51.22 -30.50
C TYR D 193 -27.31 -50.74 -29.08
N ALA D 194 -26.32 -50.10 -28.46
CA ALA D 194 -26.46 -49.61 -27.09
C ALA D 194 -25.37 -48.58 -26.78
N CYS D 195 -25.73 -47.56 -26.02
CA CYS D 195 -24.80 -46.53 -25.57
C CYS D 195 -24.33 -46.83 -24.14
N GLU D 196 -23.63 -45.88 -23.53
CA GLU D 196 -23.12 -46.07 -22.17
C GLU D 196 -22.96 -44.71 -21.50
N VAL D 197 -23.22 -44.66 -20.19
CA VAL D 197 -23.08 -43.43 -19.41
C VAL D 197 -22.39 -43.76 -18.09
N THR D 198 -21.54 -42.86 -17.62
CA THR D 198 -20.79 -43.03 -16.38
C THR D 198 -20.80 -41.73 -15.57
N HIS D 199 -21.99 -41.17 -15.39
CA HIS D 199 -22.17 -39.89 -14.71
C HIS D 199 -22.53 -40.08 -13.24
N GLN D 200 -22.43 -39.00 -12.47
CA GLN D 200 -22.89 -38.97 -11.10
C GLN D 200 -24.41 -38.80 -11.06
N GLY D 201 -24.99 -39.15 -9.92
CA GLY D 201 -26.45 -39.31 -9.84
C GLY D 201 -26.86 -40.67 -10.31
N SER D 202 -26.41 -41.06 -11.50
CA SER D 202 -26.35 -42.46 -11.92
C SER D 202 -25.01 -43.08 -11.57
N SER D 203 -24.43 -42.63 -10.46
CA SER D 203 -23.07 -43.02 -10.06
C SER D 203 -22.80 -44.52 -10.01
N PRO D 204 -23.73 -45.42 -9.55
CA PRO D 204 -23.33 -46.81 -9.30
C PRO D 204 -22.57 -47.50 -10.43
N VAL D 205 -23.18 -47.73 -11.60
CA VAL D 205 -22.41 -48.21 -12.74
C VAL D 205 -22.72 -47.45 -14.03
N THR D 206 -23.98 -47.44 -14.44
CA THR D 206 -24.35 -47.03 -15.80
C THR D 206 -25.88 -46.93 -15.87
N LYS D 207 -26.37 -46.55 -17.06
CA LYS D 207 -27.79 -46.60 -17.39
C LYS D 207 -28.07 -47.21 -18.75
N SER D 208 -27.05 -47.40 -19.59
CA SER D 208 -27.20 -48.08 -20.87
C SER D 208 -26.02 -49.03 -21.04
N PHE D 209 -26.28 -50.18 -21.67
CA PHE D 209 -25.32 -51.28 -21.79
C PHE D 209 -23.86 -50.86 -21.95
#